data_4UZ7
#
_entry.id   4UZ7
#
_cell.length_a   62.863
_cell.length_b   79.925
_cell.length_c   160.004
_cell.angle_alpha   90.00
_cell.angle_beta   94.04
_cell.angle_gamma   90.00
#
_symmetry.space_group_name_H-M   'I 1 2 1'
#
loop_
_entity.id
_entity.type
_entity.pdbx_description
1 polymer 'PROTEIN NOTUM HOMOLOG'
2 non-polymer 'CHLORIDE ION'
3 water water
#
_entity_poly.entity_id   1
_entity_poly.type   'polypeptide(L)'
_entity_poly.pdbx_seq_one_letter_code
;ETGSAQQLNEDLRLHLLLNTSVTCNDGSPAGYYLKESRGSRRWLLFLEGGWYCFNRENCDSRYDTMRRLMSSRDWPRTRT
GTGILSSQPEENPYWWNANMVFIPYCSSDVWSGASSKSEKNEYAFMGALIIQEVVRELLGRGLSGAKVLLLAGSSAGGTG
VLLNVDRVAEQLEKLGYPAIQVRGLADSGWFLDNKQYRHTDCVDTITCAPTEAIRRGIRYWNGVVPERCRRQFQEGEEWN
CFFGYKVYPTLRSPVFVVQWLFDEAQLTVDNVHLTGQPVQEGLRLYIQNLGRELRHTLKDVPASFAPACLSHEIIIRSHW
TDVQVKGTSLPRALHCWDRSLHDSHKASKTPLKGCPVHLVDSCPWPHCNPSCPTGTKHHHHHH
;
_entity_poly.pdbx_strand_id   A,B
#
# COMPACT_ATOMS: atom_id res chain seq x y z
N GLU A 10 6.03 24.19 39.88
CA GLU A 10 5.66 22.77 39.99
C GLU A 10 5.32 22.19 38.59
N ASP A 11 5.76 20.97 38.38
CA ASP A 11 5.81 20.31 37.10
C ASP A 11 4.73 19.26 37.07
N LEU A 12 4.43 18.75 35.87
CA LEU A 12 3.61 17.57 35.71
C LEU A 12 4.42 16.35 36.18
N ARG A 13 3.76 15.40 36.83
CA ARG A 13 4.39 14.28 37.47
C ARG A 13 4.09 13.00 36.68
N LEU A 14 5.10 12.17 36.38
CA LEU A 14 4.88 10.90 35.71
C LEU A 14 4.09 9.84 36.51
N HIS A 15 3.05 9.27 35.88
CA HIS A 15 2.35 8.10 36.40
C HIS A 15 2.37 7.00 35.34
N LEU A 16 2.83 5.81 35.71
CA LEU A 16 2.78 4.69 34.77
C LEU A 16 1.45 3.98 34.92
N LEU A 17 0.89 3.50 33.82
CA LEU A 17 -0.43 2.87 33.88
C LEU A 17 -0.46 1.59 34.71
N LEU A 18 -1.38 1.57 35.68
CA LEU A 18 -1.70 0.39 36.52
C LEU A 18 -1.97 -0.91 35.71
N ASN A 19 -2.80 -0.86 34.68
CA ASN A 19 -2.99 -2.06 33.83
C ASN A 19 -1.70 -2.33 33.06
N THR A 20 -1.07 -3.44 33.41
CA THR A 20 0.24 -3.83 32.90
C THR A 20 0.17 -4.28 31.44
N SER A 21 -1.01 -4.69 30.96
CA SER A 21 -1.14 -5.21 29.59
C SER A 21 -1.16 -4.09 28.53
N VAL A 22 -1.25 -2.82 28.92
CA VAL A 22 -1.21 -1.72 27.97
C VAL A 22 0.16 -1.07 27.97
N THR A 23 0.86 -1.14 26.85
CA THR A 23 2.28 -0.83 26.83
C THR A 23 2.73 0.01 25.65
N CYS A 24 3.93 0.57 25.78
CA CYS A 24 4.65 1.16 24.65
C CYS A 24 5.06 0.04 23.66
N ASN A 25 5.56 0.44 22.50
CA ASN A 25 6.10 -0.45 21.49
C ASN A 25 6.99 -1.60 22.01
N ASP A 26 7.95 -1.31 22.88
CA ASP A 26 8.87 -2.32 23.35
C ASP A 26 8.37 -3.13 24.56
N GLY A 27 7.10 -2.99 24.94
CA GLY A 27 6.59 -3.65 26.14
C GLY A 27 6.76 -2.89 27.45
N SER A 28 7.50 -1.80 27.48
CA SER A 28 7.63 -1.02 28.71
C SER A 28 6.26 -0.38 28.96
N PRO A 29 5.96 -0.07 30.22
CA PRO A 29 4.59 0.39 30.44
C PRO A 29 4.39 1.81 29.92
N ALA A 30 3.16 2.08 29.48
CA ALA A 30 2.76 3.40 29.10
C ALA A 30 2.37 4.23 30.34
N GLY A 31 2.04 5.49 30.11
CA GLY A 31 1.89 6.46 31.20
C GLY A 31 1.47 7.84 30.76
N TYR A 32 1.42 8.74 31.73
CA TYR A 32 0.97 10.10 31.54
C TYR A 32 1.58 10.96 32.63
N TYR A 33 1.73 12.24 32.35
CA TYR A 33 2.20 13.19 33.33
C TYR A 33 1.02 14.01 33.73
N LEU A 34 0.88 14.27 35.02
CA LEU A 34 -0.26 15.07 35.53
C LEU A 34 0.19 16.16 36.49
N LYS A 35 -0.33 17.36 36.25
CA LYS A 35 -0.37 18.40 37.28
C LYS A 35 -1.84 18.76 37.60
N GLU A 36 -2.22 18.45 38.82
CA GLU A 36 -3.55 18.59 39.34
C GLU A 36 -3.83 20.07 39.65
N SER A 37 -5.09 20.46 39.49
CA SER A 37 -5.55 21.80 39.91
C SER A 37 -6.96 21.59 40.43
N ARG A 38 -7.04 21.24 41.70
CA ARG A 38 -8.31 20.99 42.41
C ARG A 38 -9.30 22.14 42.41
N GLY A 39 -8.87 23.36 42.19
CA GLY A 39 -9.84 24.44 42.07
C GLY A 39 -10.46 24.56 40.67
N SER A 40 -10.04 23.73 39.71
CA SER A 40 -10.52 23.81 38.32
C SER A 40 -11.26 22.55 37.93
N ARG A 41 -12.31 22.71 37.13
CA ARG A 41 -12.99 21.57 36.51
C ARG A 41 -12.67 21.43 35.01
N ARG A 42 -11.66 22.18 34.55
CA ARG A 42 -11.12 22.07 33.19
C ARG A 42 -9.93 21.09 33.19
N TRP A 43 -9.93 20.16 32.24
CA TRP A 43 -8.86 19.20 32.04
C TRP A 43 -8.35 19.28 30.62
N LEU A 44 -7.03 19.39 30.46
CA LEU A 44 -6.35 19.39 29.14
C LEU A 44 -5.47 18.15 29.04
N LEU A 45 -5.81 17.27 28.11
CA LEU A 45 -5.06 16.05 27.86
C LEU A 45 -4.36 16.24 26.53
N PHE A 46 -3.02 16.30 26.54
CA PHE A 46 -2.26 16.56 25.36
C PHE A 46 -1.63 15.26 24.84
N LEU A 47 -1.85 14.98 23.55
CA LEU A 47 -1.25 13.82 22.89
C LEU A 47 -0.01 14.24 22.09
N GLU A 48 1.18 13.74 22.49
CA GLU A 48 2.43 14.08 21.85
C GLU A 48 2.48 13.47 20.47
N GLY A 49 3.27 14.07 19.56
CA GLY A 49 3.49 13.48 18.25
C GLY A 49 4.91 13.01 17.98
N GLY A 50 5.22 12.81 16.70
CA GLY A 50 6.54 12.36 16.26
C GLY A 50 6.51 11.14 15.33
N TRP A 51 5.81 11.30 14.21
CA TRP A 51 5.70 10.27 13.18
C TRP A 51 5.04 8.95 13.62
N TYR A 52 5.61 7.87 13.11
CA TYR A 52 5.05 6.53 13.16
C TYR A 52 6.09 5.58 12.50
N CYS A 53 5.85 4.28 12.57
CA CYS A 53 6.60 3.32 11.76
C CYS A 53 5.61 2.26 11.34
N PHE A 54 5.78 1.74 10.13
CA PHE A 54 4.72 0.94 9.51
C PHE A 54 5.12 -0.47 9.05
N ASN A 55 6.32 -0.91 9.38
CA ASN A 55 6.68 -2.35 9.28
C ASN A 55 7.86 -2.63 10.19
N ARG A 56 8.30 -3.88 10.25
CA ARG A 56 9.30 -4.31 11.21
C ARG A 56 10.65 -3.61 11.03
N GLU A 57 11.08 -3.45 9.78
CA GLU A 57 12.37 -2.83 9.50
C GLU A 57 12.37 -1.34 9.80
N ASN A 58 11.32 -0.63 9.41
CA ASN A 58 11.12 0.79 9.81
C ASN A 58 11.12 0.97 11.30
N CYS A 59 10.46 0.06 12.01
CA CYS A 59 10.32 0.15 13.46
C CYS A 59 11.61 -0.23 14.19
N ASP A 60 12.37 -1.19 13.64
CA ASP A 60 13.72 -1.51 14.16
C ASP A 60 14.62 -0.31 14.04
N SER A 61 14.59 0.31 12.88
CA SER A 61 15.38 1.50 12.61
C SER A 61 14.98 2.65 13.57
N ARG A 62 13.68 2.90 13.70
CA ARG A 62 13.16 3.87 14.70
C ARG A 62 13.54 3.47 16.14
N TYR A 63 13.59 2.18 16.47
CA TYR A 63 14.05 1.78 17.81
C TYR A 63 15.50 2.15 18.09
N ASP A 64 16.33 2.13 17.05
CA ASP A 64 17.75 2.49 17.17
C ASP A 64 18.02 3.99 17.16
N THR A 65 17.27 4.74 16.37
CA THR A 65 17.50 6.18 16.21
C THR A 65 16.65 7.03 17.18
N MET A 66 15.40 6.63 17.44
CA MET A 66 14.47 7.41 18.24
C MET A 66 13.78 6.55 19.30
N ARG A 67 14.57 5.92 20.16
CA ARG A 67 14.08 4.95 21.12
C ARG A 67 13.04 5.52 22.08
N ARG A 68 13.23 6.77 22.50
CA ARG A 68 12.26 7.52 23.34
C ARG A 68 10.82 7.47 22.83
N LEU A 69 10.63 7.36 21.52
CA LEU A 69 9.30 7.33 20.94
C LEU A 69 8.75 5.94 20.87
N MET A 70 9.49 4.97 21.37
CA MET A 70 9.03 3.57 21.37
C MET A 70 9.07 2.93 22.77
N SER A 71 9.36 3.73 23.79
CA SER A 71 9.72 3.20 25.11
C SER A 71 9.58 4.24 26.18
N SER A 72 9.16 3.81 27.37
CA SER A 72 9.08 4.68 28.53
C SER A 72 10.29 4.61 29.42
N ARG A 73 11.25 3.77 29.07
CA ARG A 73 12.43 3.57 29.91
C ARG A 73 13.16 4.84 30.30
N ASP A 74 13.38 5.74 29.36
CA ASP A 74 14.15 6.93 29.67
C ASP A 74 13.31 8.18 29.97
N TRP A 75 12.01 8.03 30.15
CA TRP A 75 11.17 9.18 30.52
C TRP A 75 11.58 9.78 31.88
N PRO A 76 11.70 11.12 31.97
CA PRO A 76 12.02 11.74 33.26
C PRO A 76 10.81 11.66 34.16
N ARG A 77 11.02 11.89 35.45
CA ARG A 77 9.90 11.78 36.41
C ARG A 77 8.95 12.95 36.37
N THR A 78 9.47 14.09 35.89
CA THR A 78 8.69 15.32 35.75
C THR A 78 8.98 16.00 34.41
N ARG A 79 8.05 16.84 34.01
CA ARG A 79 8.04 17.65 32.79
C ARG A 79 7.51 19.01 33.20
N THR A 80 8.15 20.08 32.79
CA THR A 80 7.54 21.39 32.91
C THR A 80 6.44 21.55 31.84
N GLY A 81 5.27 22.05 32.28
CA GLY A 81 4.23 22.39 31.34
C GLY A 81 4.57 23.65 30.56
N THR A 82 4.50 23.60 29.23
CA THR A 82 4.81 24.73 28.37
C THR A 82 3.61 25.02 27.43
N GLY A 83 3.54 26.24 26.93
CA GLY A 83 2.39 26.70 26.15
C GLY A 83 1.04 26.45 26.81
N ILE A 84 0.17 25.75 26.11
CA ILE A 84 -1.13 25.40 26.61
C ILE A 84 -1.15 24.49 27.87
N LEU A 85 -0.01 23.88 28.21
CA LEU A 85 0.13 23.08 29.47
C LEU A 85 0.84 23.82 30.57
N SER A 86 1.21 25.08 30.34
CA SER A 86 1.76 25.93 31.41
C SER A 86 0.71 26.40 32.40
N SER A 87 1.12 26.48 33.68
CA SER A 87 0.31 27.02 34.76
C SER A 87 0.64 28.48 35.07
N GLN A 88 1.52 29.09 34.26
CA GLN A 88 1.79 30.51 34.40
C GLN A 88 0.81 31.29 33.50
N PRO A 89 0.05 32.24 34.09
CA PRO A 89 -0.83 33.08 33.33
C PRO A 89 -0.17 33.83 32.18
N GLU A 90 1.07 34.27 32.38
CA GLU A 90 1.80 34.97 31.31
C GLU A 90 2.02 34.08 30.05
N GLU A 91 2.04 32.77 30.22
CA GLU A 91 2.33 31.85 29.15
C GLU A 91 1.05 31.20 28.59
N ASN A 92 -0.02 31.24 29.40
CA ASN A 92 -1.27 30.56 29.12
C ASN A 92 -2.40 31.38 29.70
N PRO A 93 -2.76 32.48 29.01
CA PRO A 93 -3.58 33.52 29.63
C PRO A 93 -4.95 33.11 30.11
N TYR A 94 -5.63 32.24 29.37
CA TYR A 94 -6.98 31.82 29.73
C TYR A 94 -7.09 30.48 30.51
N TRP A 95 -6.22 29.52 30.22
CA TRP A 95 -6.35 28.16 30.79
C TRP A 95 -5.19 27.75 31.69
N TRP A 96 -4.44 28.71 32.24
CA TRP A 96 -3.31 28.40 33.17
C TRP A 96 -3.70 27.57 34.39
N ASN A 97 -4.94 27.68 34.85
CA ASN A 97 -5.40 26.97 36.06
C ASN A 97 -5.98 25.55 35.86
N ALA A 98 -5.99 25.06 34.62
CA ALA A 98 -6.52 23.74 34.32
C ALA A 98 -5.71 22.61 34.92
N ASN A 99 -6.33 21.45 34.95
CA ASN A 99 -5.64 20.22 35.25
C ASN A 99 -4.98 19.84 33.95
N MET A 100 -3.68 19.53 34.03
CA MET A 100 -2.82 19.37 32.87
C MET A 100 -2.33 17.93 32.76
N VAL A 101 -2.47 17.34 31.57
CA VAL A 101 -2.06 15.97 31.32
C VAL A 101 -1.32 15.91 29.98
N PHE A 102 -0.12 15.33 30.01
CA PHE A 102 0.72 15.13 28.84
C PHE A 102 0.90 13.62 28.72
N ILE A 103 0.44 13.06 27.60
CA ILE A 103 0.52 11.64 27.36
C ILE A 103 1.62 11.42 26.33
N PRO A 104 2.74 10.84 26.76
CA PRO A 104 3.84 10.64 25.81
C PRO A 104 3.49 9.67 24.70
N TYR A 105 4.06 9.88 23.53
CA TYR A 105 3.78 9.04 22.38
C TYR A 105 4.84 7.96 22.31
N CYS A 106 4.42 6.74 22.58
CA CYS A 106 5.35 5.65 22.58
C CYS A 106 4.80 4.45 21.86
N SER A 107 3.85 4.71 20.95
CA SER A 107 3.13 3.67 20.24
C SER A 107 3.34 3.70 18.72
N SER A 108 3.91 4.78 18.16
CA SER A 108 4.32 4.83 16.78
C SER A 108 3.21 4.51 15.77
N ASP A 109 1.96 4.73 16.18
CA ASP A 109 0.79 4.27 15.45
C ASP A 109 -0.30 5.34 15.26
N VAL A 110 0.10 6.60 15.40
CA VAL A 110 -0.81 7.75 15.27
C VAL A 110 -1.99 7.63 16.21
N TRP A 111 -1.72 7.06 17.38
CA TRP A 111 -2.74 6.87 18.41
C TRP A 111 -3.93 5.98 17.95
N SER A 112 -3.68 5.10 16.96
CA SER A 112 -4.75 4.27 16.37
C SER A 112 -4.76 2.82 16.83
N GLY A 113 -3.68 2.36 17.42
CA GLY A 113 -3.51 0.93 17.70
C GLY A 113 -4.37 0.37 18.80
N ALA A 114 -4.99 -0.77 18.51
CA ALA A 114 -5.52 -1.65 19.55
C ALA A 114 -4.90 -3.05 19.40
N GLU A 122 5.34 -8.95 17.62
CA GLU A 122 6.65 -8.44 18.03
C GLU A 122 6.61 -7.07 18.81
N TYR A 123 6.44 -5.95 18.11
CA TYR A 123 6.18 -4.65 18.78
C TYR A 123 4.68 -4.54 19.04
N ALA A 124 4.32 -3.93 20.17
CA ALA A 124 2.90 -3.69 20.48
C ALA A 124 2.53 -2.27 20.04
N PHE A 125 1.35 -2.15 19.45
CA PHE A 125 0.78 -0.87 19.01
C PHE A 125 -0.56 -0.63 19.69
N MET A 126 -0.57 0.17 20.73
CA MET A 126 -1.71 0.26 21.65
C MET A 126 -2.18 1.70 21.90
N GLY A 127 -1.90 2.60 20.97
CA GLY A 127 -2.22 4.00 21.13
C GLY A 127 -3.64 4.33 21.54
N ALA A 128 -4.62 3.73 20.89
CA ALA A 128 -6.02 3.95 21.24
C ALA A 128 -6.35 3.44 22.66
N LEU A 129 -5.74 2.32 23.03
CA LEU A 129 -5.97 1.73 24.35
C LEU A 129 -5.28 2.55 25.43
N ILE A 130 -4.08 3.06 25.14
CA ILE A 130 -3.40 4.00 26.06
C ILE A 130 -4.33 5.18 26.43
N ILE A 131 -4.89 5.83 25.44
CA ILE A 131 -5.76 6.97 25.72
C ILE A 131 -6.96 6.55 26.59
N GLN A 132 -7.60 5.43 26.20
CA GLN A 132 -8.72 4.87 26.95
C GLN A 132 -8.38 4.61 28.41
N GLU A 133 -7.20 4.05 28.62
CA GLU A 133 -6.77 3.76 29.96
C GLU A 133 -6.40 5.01 30.77
N VAL A 134 -5.78 6.00 30.14
CA VAL A 134 -5.47 7.24 30.85
C VAL A 134 -6.78 7.89 31.36
N VAL A 135 -7.76 7.97 30.48
CA VAL A 135 -9.07 8.56 30.83
C VAL A 135 -9.71 7.78 32.00
N ARG A 136 -9.73 6.47 31.91
CA ARG A 136 -10.23 5.64 33.00
C ARG A 136 -9.54 5.97 34.33
N GLU A 137 -8.21 5.97 34.34
CA GLU A 137 -7.46 6.33 35.57
C GLU A 137 -7.76 7.73 36.08
N LEU A 138 -7.90 8.71 35.19
CA LEU A 138 -8.09 10.10 35.62
C LEU A 138 -9.44 10.31 36.28
N LEU A 139 -10.42 9.49 35.93
CA LEU A 139 -11.72 9.50 36.57
C LEU A 139 -11.64 9.32 38.08
N GLY A 140 -10.70 8.49 38.54
CA GLY A 140 -10.36 8.39 39.97
C GLY A 140 -9.40 9.45 40.52
N ARG A 141 -8.87 10.33 39.69
CA ARG A 141 -7.99 11.41 40.17
C ARG A 141 -8.58 12.80 40.05
N GLY A 142 -9.90 12.89 39.88
CA GLY A 142 -10.63 14.14 39.86
C GLY A 142 -11.43 14.36 38.58
N LEU A 143 -11.16 13.58 37.53
CA LEU A 143 -11.83 13.85 36.22
C LEU A 143 -13.34 13.58 36.28
N SER A 144 -13.78 12.74 37.22
CA SER A 144 -15.20 12.49 37.38
C SER A 144 -15.96 13.76 37.66
N GLY A 145 -15.30 14.78 38.21
CA GLY A 145 -15.96 16.05 38.54
C GLY A 145 -15.85 17.18 37.50
N ALA A 146 -15.24 16.89 36.34
CA ALA A 146 -14.91 17.90 35.35
C ALA A 146 -16.15 18.40 34.64
N LYS A 147 -16.07 19.64 34.17
CA LYS A 147 -17.04 20.20 33.24
C LYS A 147 -16.57 20.07 31.79
N VAL A 148 -15.25 20.00 31.60
CA VAL A 148 -14.64 20.09 30.28
C VAL A 148 -13.37 19.24 30.22
N LEU A 149 -13.27 18.46 29.17
CA LEU A 149 -12.07 17.72 28.83
C LEU A 149 -11.75 18.13 27.41
N LEU A 150 -10.66 18.86 27.24
CA LEU A 150 -10.15 19.20 25.91
C LEU A 150 -9.08 18.19 25.53
N LEU A 151 -9.36 17.39 24.49
CA LEU A 151 -8.34 16.44 23.99
C LEU A 151 -7.52 17.14 22.91
N ALA A 152 -6.25 17.38 23.19
CA ALA A 152 -5.40 18.19 22.32
C ALA A 152 -4.18 17.39 21.89
N GLY A 153 -3.52 17.81 20.83
CA GLY A 153 -2.33 17.11 20.38
C GLY A 153 -1.66 17.81 19.26
N SER A 154 -0.37 17.56 19.11
CA SER A 154 0.41 18.15 18.01
C SER A 154 1.00 17.04 17.13
N SER A 155 1.07 17.32 15.83
CA SER A 155 1.54 16.43 14.79
C SER A 155 0.84 15.08 14.84
N ALA A 156 1.52 13.95 14.97
CA ALA A 156 0.78 12.71 15.00
C ALA A 156 -0.25 12.73 16.14
N GLY A 157 0.02 13.51 17.19
CA GLY A 157 -0.99 13.77 18.26
C GLY A 157 -2.25 14.50 17.82
N GLY A 158 -2.10 15.46 16.93
CA GLY A 158 -3.20 16.19 16.36
C GLY A 158 -4.08 15.26 15.55
N THR A 159 -3.45 14.42 14.74
CA THR A 159 -4.18 13.40 14.03
C THR A 159 -4.82 12.40 14.99
N GLY A 160 -4.12 12.08 16.07
CA GLY A 160 -4.71 11.27 17.14
C GLY A 160 -5.97 11.80 17.80
N VAL A 161 -6.05 13.13 17.97
CA VAL A 161 -7.27 13.75 18.45
C VAL A 161 -8.45 13.47 17.51
N LEU A 162 -8.25 13.64 16.21
CA LEU A 162 -9.29 13.38 15.24
C LEU A 162 -9.74 11.93 15.29
N LEU A 163 -8.79 11.03 15.48
CA LEU A 163 -9.08 9.61 15.51
C LEU A 163 -9.70 9.18 16.82
N ASN A 164 -9.49 9.92 17.91
CA ASN A 164 -9.93 9.46 19.26
C ASN A 164 -11.00 10.27 20.00
N VAL A 165 -11.24 11.51 19.58
CA VAL A 165 -12.08 12.41 20.37
C VAL A 165 -13.50 11.85 20.53
N ASP A 166 -14.09 11.35 19.46
CA ASP A 166 -15.44 10.80 19.57
C ASP A 166 -15.51 9.54 20.42
N ARG A 167 -14.46 8.73 20.36
CA ARG A 167 -14.37 7.53 21.23
C ARG A 167 -14.24 7.88 22.71
N VAL A 168 -13.51 8.94 23.04
CA VAL A 168 -13.39 9.42 24.44
C VAL A 168 -14.74 9.89 24.93
N ALA A 169 -15.43 10.65 24.10
CA ALA A 169 -16.75 11.16 24.44
C ALA A 169 -17.72 10.02 24.72
N GLU A 170 -17.72 9.02 23.84
CA GLU A 170 -18.53 7.81 24.02
C GLU A 170 -18.11 7.04 25.27
N GLN A 171 -16.81 6.94 25.50
CA GLN A 171 -16.34 6.22 26.68
C GLN A 171 -16.91 6.88 27.96
N LEU A 172 -16.85 8.21 28.06
CA LEU A 172 -17.35 8.88 29.24
C LEU A 172 -18.87 8.79 29.41
N GLU A 173 -19.60 8.94 28.31
CA GLU A 173 -21.06 8.75 28.26
C GLU A 173 -21.44 7.37 28.78
N LYS A 174 -20.76 6.35 28.26
CA LYS A 174 -21.02 4.98 28.64
C LYS A 174 -20.69 4.64 30.07
N LEU A 175 -19.63 5.25 30.61
CA LEU A 175 -19.30 5.13 32.03
C LEU A 175 -20.19 6.00 32.95
N GLY A 176 -21.15 6.72 32.39
CA GLY A 176 -22.06 7.53 33.18
C GLY A 176 -21.52 8.88 33.63
N TYR A 177 -20.70 9.50 32.80
CA TYR A 177 -20.24 10.86 33.02
C TYR A 177 -20.58 11.70 31.79
N PRO A 178 -21.89 11.83 31.48
CA PRO A 178 -22.33 12.57 30.29
C PRO A 178 -22.16 14.09 30.35
N ALA A 179 -22.05 14.66 31.55
CA ALA A 179 -21.89 16.11 31.74
C ALA A 179 -20.49 16.67 31.45
N ILE A 180 -19.49 15.82 31.27
CA ILE A 180 -18.14 16.30 30.95
C ILE A 180 -18.13 16.63 29.45
N GLN A 181 -18.04 17.91 29.11
CA GLN A 181 -18.08 18.31 27.70
C GLN A 181 -16.73 18.03 27.06
N VAL A 182 -16.74 17.23 25.99
CA VAL A 182 -15.52 16.80 25.33
C VAL A 182 -15.37 17.60 24.05
N ARG A 183 -14.21 18.25 23.93
CA ARG A 183 -13.85 18.95 22.71
C ARG A 183 -12.43 18.56 22.36
N GLY A 184 -12.05 18.85 21.14
CA GLY A 184 -10.74 18.49 20.62
C GLY A 184 -9.99 19.71 20.13
N LEU A 185 -8.67 19.61 20.16
CA LEU A 185 -7.81 20.61 19.60
C LEU A 185 -6.73 19.89 18.79
N ALA A 186 -6.77 20.02 17.47
CA ALA A 186 -5.80 19.28 16.66
C ALA A 186 -4.82 20.26 16.02
N ASP A 187 -3.57 20.16 16.42
CA ASP A 187 -2.50 21.08 16.02
C ASP A 187 -1.57 20.33 15.10
N SER A 188 -1.40 20.83 13.88
CA SER A 188 -0.46 20.25 12.92
C SER A 188 -0.77 18.79 12.60
N GLY A 189 -2.05 18.47 12.56
CA GLY A 189 -2.48 17.13 12.31
C GLY A 189 -3.41 17.03 11.12
N TRP A 190 -3.47 18.07 10.29
CA TRP A 190 -4.36 18.19 9.16
C TRP A 190 -3.53 18.18 7.87
N PHE A 191 -3.42 17.01 7.24
CA PHE A 191 -2.54 16.83 6.10
C PHE A 191 -3.35 16.55 4.83
N LEU A 192 -2.77 16.89 3.69
CA LEU A 192 -3.37 16.59 2.43
C LEU A 192 -2.78 15.30 1.93
N ASP A 193 -3.65 14.43 1.42
CA ASP A 193 -3.18 13.25 0.70
C ASP A 193 -2.85 13.56 -0.79
N ASN A 194 -2.42 14.77 -1.08
CA ASN A 194 -1.99 15.21 -2.42
C ASN A 194 -0.90 14.32 -3.03
N LYS A 195 -0.52 14.61 -4.27
CA LYS A 195 0.69 14.02 -4.84
C LYS A 195 1.92 14.61 -4.12
N GLN A 196 2.96 13.80 -4.03
CA GLN A 196 4.27 14.30 -3.70
C GLN A 196 4.71 15.26 -4.81
N TYR A 197 5.69 16.09 -4.49
CA TYR A 197 6.37 16.89 -5.50
C TYR A 197 7.20 15.95 -6.38
N ARG A 198 7.85 14.97 -5.76
CA ARG A 198 8.70 14.01 -6.43
C ARG A 198 8.48 12.61 -5.85
N HIS A 199 7.95 11.69 -6.66
CA HIS A 199 7.70 10.33 -6.20
C HIS A 199 8.96 9.64 -5.67
N THR A 200 8.82 9.01 -4.50
CA THR A 200 9.80 8.08 -3.97
C THR A 200 9.12 6.72 -3.86
N ASP A 201 9.92 5.66 -3.85
CA ASP A 201 9.41 4.33 -3.52
C ASP A 201 9.26 4.27 -2.03
N CYS A 202 8.17 3.68 -1.55
CA CYS A 202 8.02 3.49 -0.12
C CYS A 202 9.18 2.64 0.41
N VAL A 203 10.18 3.32 0.96
CA VAL A 203 11.33 2.67 1.55
C VAL A 203 11.39 3.08 3.02
N ASP A 204 11.56 4.38 3.25
CA ASP A 204 11.62 4.95 4.60
C ASP A 204 10.31 5.62 5.02
N THR A 205 10.25 6.01 6.29
CA THR A 205 9.19 6.87 6.80
C THR A 205 9.12 8.22 6.07
N ILE A 206 10.25 8.74 5.59
CA ILE A 206 10.28 10.00 4.83
C ILE A 206 10.30 9.80 3.31
N THR A 207 10.58 8.57 2.86
CA THR A 207 10.49 8.19 1.44
C THR A 207 9.17 7.48 1.10
N CYS A 208 8.12 7.66 1.91
CA CYS A 208 6.84 6.99 1.65
C CYS A 208 5.68 7.99 1.65
N ALA A 209 4.93 8.02 0.54
CA ALA A 209 3.76 8.88 0.45
C ALA A 209 2.82 8.58 1.63
N PRO A 210 2.21 9.62 2.24
CA PRO A 210 1.41 9.41 3.44
C PRO A 210 0.30 8.38 3.26
N THR A 211 -0.38 8.46 2.11
CA THR A 211 -1.38 7.48 1.69
C THR A 211 -0.91 6.02 1.81
N GLU A 212 0.28 5.72 1.30
CA GLU A 212 0.80 4.33 1.35
C GLU A 212 1.24 3.94 2.76
N ALA A 213 1.92 4.88 3.42
CA ALA A 213 2.39 4.67 4.79
C ALA A 213 1.28 4.28 5.75
N ILE A 214 0.20 5.06 5.77
CA ILE A 214 -0.93 4.78 6.66
C ILE A 214 -1.64 3.47 6.26
N ARG A 215 -1.83 3.25 4.96
CA ARG A 215 -2.44 2.01 4.52
C ARG A 215 -1.69 0.79 5.05
N ARG A 216 -0.38 0.78 4.91
CA ARG A 216 0.43 -0.30 5.51
C ARG A 216 0.40 -0.26 7.03
N GLY A 217 0.55 0.95 7.60
CA GLY A 217 0.52 1.13 9.05
C GLY A 217 -0.74 0.56 9.70
N ILE A 218 -1.90 0.98 9.24
CA ILE A 218 -3.16 0.43 9.79
C ILE A 218 -3.14 -1.09 9.92
N ARG A 219 -2.72 -1.80 8.85
CA ARG A 219 -2.73 -3.27 8.88
C ARG A 219 -1.71 -3.79 9.90
N TYR A 220 -0.52 -3.20 9.90
CA TYR A 220 0.54 -3.59 10.82
C TYR A 220 0.18 -3.26 12.29
N TRP A 221 -0.55 -2.17 12.52
CA TRP A 221 -0.89 -1.77 13.89
C TRP A 221 -2.18 -2.38 14.42
N ASN A 222 -2.96 -3.01 13.55
CA ASN A 222 -4.39 -3.23 13.83
C ASN A 222 -5.03 -1.92 14.29
N GLY A 223 -4.78 -0.86 13.52
CA GLY A 223 -5.30 0.46 13.81
C GLY A 223 -6.79 0.53 13.65
N VAL A 224 -7.44 1.38 14.45
CA VAL A 224 -8.89 1.61 14.31
C VAL A 224 -9.14 3.07 14.02
N VAL A 225 -10.24 3.33 13.33
CA VAL A 225 -10.68 4.68 12.99
C VAL A 225 -12.07 4.92 13.55
N PRO A 226 -12.53 6.18 13.57
CA PRO A 226 -13.90 6.40 13.99
C PRO A 226 -14.89 5.66 13.09
N GLU A 227 -15.91 5.06 13.73
CA GLU A 227 -16.93 4.22 13.11
C GLU A 227 -17.68 4.94 12.00
N ARG A 228 -18.13 6.16 12.28
CA ARG A 228 -18.86 6.94 11.28
C ARG A 228 -18.02 7.19 10.01
N CYS A 229 -16.73 7.54 10.18
CA CYS A 229 -15.84 7.75 9.06
C CYS A 229 -15.57 6.44 8.30
N ARG A 230 -15.29 5.36 9.02
CA ARG A 230 -15.03 4.07 8.42
C ARG A 230 -16.17 3.68 7.45
N ARG A 231 -17.40 3.99 7.82
CA ARG A 231 -18.58 3.63 7.02
C ARG A 231 -18.69 4.37 5.71
N GLN A 232 -17.97 5.49 5.56
CA GLN A 232 -18.09 6.36 4.36
C GLN A 232 -17.04 6.06 3.33
N PHE A 233 -16.16 5.13 3.65
CA PHE A 233 -15.14 4.73 2.70
C PHE A 233 -15.24 3.24 2.49
N GLN A 234 -14.76 2.78 1.34
CA GLN A 234 -14.76 1.37 1.00
C GLN A 234 -14.18 0.59 2.15
N GLU A 235 -14.73 -0.60 2.39
CA GLU A 235 -14.10 -1.58 3.29
C GLU A 235 -12.62 -1.67 2.94
N GLY A 236 -11.78 -1.71 3.97
CA GLY A 236 -10.32 -1.76 3.80
C GLY A 236 -9.59 -0.48 3.38
N GLU A 237 -10.30 0.61 3.17
CA GLU A 237 -9.69 1.91 2.83
C GLU A 237 -9.86 2.93 3.99
N GLU A 238 -9.67 2.45 5.22
CA GLU A 238 -9.79 3.24 6.43
C GLU A 238 -8.72 4.35 6.51
N TRP A 239 -7.59 4.15 5.82
CA TRP A 239 -6.52 5.14 5.75
C TRP A 239 -7.05 6.54 5.39
N ASN A 240 -8.16 6.61 4.67
CA ASN A 240 -8.79 7.90 4.39
C ASN A 240 -9.09 8.69 5.65
N CYS A 241 -9.48 8.00 6.71
CA CYS A 241 -9.87 8.64 7.94
C CYS A 241 -8.74 9.28 8.69
N PHE A 242 -7.47 9.08 8.25
CA PHE A 242 -6.34 9.76 8.86
C PHE A 242 -6.13 11.16 8.33
N PHE A 243 -6.93 11.53 7.32
CA PHE A 243 -6.80 12.83 6.68
C PHE A 243 -7.91 13.76 7.11
N GLY A 244 -7.51 14.84 7.77
CA GLY A 244 -8.43 15.75 8.45
C GLY A 244 -9.67 16.11 7.67
N TYR A 245 -9.49 16.56 6.43
CA TYR A 245 -10.62 17.01 5.63
C TYR A 245 -11.64 15.90 5.30
N LYS A 246 -11.19 14.66 5.35
CA LYS A 246 -12.10 13.51 5.17
C LYS A 246 -12.80 13.07 6.46
N VAL A 247 -12.08 13.08 7.58
CA VAL A 247 -12.65 12.60 8.82
C VAL A 247 -13.47 13.71 9.50
N TYR A 248 -13.02 14.97 9.36
CA TYR A 248 -13.64 16.10 10.08
C TYR A 248 -15.15 16.18 9.92
N PRO A 249 -15.68 16.13 8.68
CA PRO A 249 -17.14 16.19 8.54
C PRO A 249 -17.93 15.16 9.35
N THR A 250 -17.36 14.01 9.62
CA THR A 250 -18.07 12.91 10.26
C THR A 250 -17.97 12.99 11.79
N LEU A 251 -17.23 13.95 12.32
CA LEU A 251 -17.00 14.04 13.77
C LEU A 251 -18.20 14.59 14.48
N ARG A 252 -18.48 14.02 15.63
CA ARG A 252 -19.56 14.48 16.50
C ARG A 252 -19.05 15.61 17.40
N SER A 253 -17.85 15.43 17.97
CA SER A 253 -17.26 16.39 18.88
C SER A 253 -16.77 17.60 18.14
N PRO A 254 -17.01 18.81 18.69
CA PRO A 254 -16.37 20.00 18.15
C PRO A 254 -14.85 19.90 18.30
N VAL A 255 -14.14 20.20 17.23
CA VAL A 255 -12.71 20.15 17.20
C VAL A 255 -12.20 21.46 16.64
N PHE A 256 -11.27 22.11 17.33
CA PHE A 256 -10.66 23.33 16.85
C PHE A 256 -9.42 22.90 16.08
N VAL A 257 -9.25 23.40 14.87
CA VAL A 257 -8.15 22.94 14.02
C VAL A 257 -7.08 24.03 13.93
N VAL A 258 -5.89 23.78 14.46
CA VAL A 258 -4.74 24.66 14.31
C VAL A 258 -3.77 24.06 13.26
N GLN A 259 -3.49 24.80 12.21
CA GLN A 259 -2.68 24.24 11.13
C GLN A 259 -1.95 25.31 10.34
N TRP A 260 -0.64 25.32 10.42
CA TRP A 260 0.18 26.15 9.52
C TRP A 260 -0.15 25.79 8.07
N LEU A 261 -0.32 26.80 7.23
CA LEU A 261 -0.61 26.53 5.82
C LEU A 261 0.58 25.81 5.11
N PHE A 262 1.79 26.00 5.61
CA PHE A 262 2.97 25.36 5.01
C PHE A 262 3.68 24.53 6.07
N ASP A 263 3.07 23.41 6.42
CA ASP A 263 3.56 22.57 7.49
C ASP A 263 4.80 21.84 7.01
N GLU A 264 5.86 21.88 7.82
CA GLU A 264 7.11 21.23 7.48
C GLU A 264 6.99 19.73 7.21
N ALA A 265 6.12 19.07 7.98
CA ALA A 265 5.84 17.63 7.87
C ALA A 265 5.06 17.28 6.61
N GLN A 266 4.20 18.19 6.17
CA GLN A 266 3.53 18.06 4.91
C GLN A 266 4.57 18.13 3.75
N LEU A 267 5.46 19.12 3.79
CA LEU A 267 6.57 19.23 2.82
C LEU A 267 7.40 17.98 2.80
N THR A 268 7.79 17.53 3.99
CA THR A 268 8.56 16.32 4.11
C THR A 268 7.88 15.15 3.42
N VAL A 269 6.62 14.87 3.70
CA VAL A 269 5.94 13.73 3.07
C VAL A 269 5.63 13.92 1.57
N ASP A 270 5.71 15.17 1.09
CA ASP A 270 5.59 15.44 -0.33
C ASP A 270 6.96 15.46 -1.00
N ASN A 271 7.99 15.12 -0.23
CA ASN A 271 9.38 15.09 -0.71
C ASN A 271 9.89 16.40 -1.21
N VAL A 272 9.57 17.45 -0.46
CA VAL A 272 10.15 18.75 -0.67
C VAL A 272 11.16 18.96 0.45
N HIS A 273 12.39 19.26 0.07
CA HIS A 273 13.45 19.54 1.04
C HIS A 273 14.02 20.92 0.76
N LEU A 274 13.75 21.86 1.65
CA LEU A 274 14.22 23.23 1.49
C LEU A 274 15.68 23.38 1.92
N THR A 275 16.47 23.99 1.05
CA THR A 275 17.82 24.44 1.40
C THR A 275 17.76 25.85 2.01
N GLY A 276 16.69 26.61 1.70
CA GLY A 276 16.60 28.03 2.03
C GLY A 276 16.96 28.94 0.85
N GLN A 277 17.73 28.40 -0.10
CA GLN A 277 18.08 29.10 -1.34
C GLN A 277 16.85 29.34 -2.22
N PRO A 278 16.98 30.19 -3.26
CA PRO A 278 15.83 30.44 -4.15
C PRO A 278 15.22 29.14 -4.68
N VAL A 279 13.91 29.09 -4.71
CA VAL A 279 13.23 27.87 -5.09
C VAL A 279 12.95 27.89 -6.60
N GLN A 280 13.15 26.73 -7.23
CA GLN A 280 12.81 26.56 -8.63
C GLN A 280 11.34 26.78 -8.82
N GLU A 281 10.93 26.96 -10.07
CA GLU A 281 9.56 27.25 -10.41
C GLU A 281 8.58 26.12 -10.10
N GLY A 282 8.95 24.88 -10.42
CA GLY A 282 8.08 23.73 -10.20
C GLY A 282 7.71 23.63 -8.73
N LEU A 283 8.70 23.92 -7.90
CA LEU A 283 8.56 23.90 -6.48
C LEU A 283 7.84 25.15 -5.95
N ARG A 284 7.99 26.30 -6.62
CA ARG A 284 7.21 27.47 -6.26
C ARG A 284 5.74 27.13 -6.44
N LEU A 285 5.41 26.47 -7.55
CA LEU A 285 4.02 26.10 -7.83
C LEU A 285 3.45 25.18 -6.76
N TYR A 286 4.24 24.21 -6.34
CA TYR A 286 3.83 23.29 -5.30
C TYR A 286 3.45 24.05 -4.03
N ILE A 287 4.28 24.99 -3.61
CA ILE A 287 4.03 25.75 -2.38
C ILE A 287 2.79 26.63 -2.54
N GLN A 288 2.66 27.32 -3.66
CA GLN A 288 1.50 28.17 -3.88
C GLN A 288 0.26 27.31 -3.76
N ASN A 289 0.31 26.12 -4.33
CA ASN A 289 -0.87 25.26 -4.37
C ASN A 289 -1.22 24.58 -3.05
N LEU A 290 -0.21 24.13 -2.30
CA LEU A 290 -0.39 23.62 -0.94
C LEU A 290 -1.22 24.60 -0.09
N GLY A 291 -0.74 25.82 0.06
CA GLY A 291 -1.48 26.87 0.75
C GLY A 291 -2.89 27.07 0.25
N ARG A 292 -3.05 27.09 -1.08
CA ARG A 292 -4.36 27.27 -1.68
C ARG A 292 -5.26 26.09 -1.32
N GLU A 293 -4.77 24.86 -1.53
CA GLU A 293 -5.58 23.67 -1.24
C GLU A 293 -5.89 23.49 0.25
N LEU A 294 -4.92 23.80 1.08
CA LEU A 294 -5.18 23.75 2.51
C LEU A 294 -6.26 24.78 2.94
N ARG A 295 -6.15 26.03 2.48
CA ARG A 295 -7.21 27.01 2.67
C ARG A 295 -8.58 26.50 2.23
N HIS A 296 -8.64 25.83 1.09
CA HIS A 296 -9.87 25.23 0.63
C HIS A 296 -10.43 24.15 1.59
N THR A 297 -9.58 23.27 2.13
CA THR A 297 -10.12 22.23 3.01
C THR A 297 -10.72 22.77 4.30
N LEU A 298 -10.35 24.00 4.65
CA LEU A 298 -10.76 24.62 5.89
C LEU A 298 -11.92 25.61 5.71
N LYS A 299 -12.38 25.86 4.49
CA LYS A 299 -13.35 26.95 4.28
C LYS A 299 -14.68 26.82 5.08
N ASP A 300 -15.10 25.58 5.34
CA ASP A 300 -16.29 25.26 6.17
C ASP A 300 -15.94 24.81 7.58
N VAL A 301 -14.74 25.12 8.08
CA VAL A 301 -14.35 24.80 9.47
C VAL A 301 -14.19 26.15 10.18
N PRO A 302 -15.24 26.64 10.87
CA PRO A 302 -15.12 27.97 11.48
C PRO A 302 -14.16 27.97 12.67
N ALA A 303 -14.00 26.84 13.38
CA ALA A 303 -12.99 26.76 14.46
C ALA A 303 -11.63 26.39 13.86
N SER A 304 -11.02 27.38 13.23
CA SER A 304 -9.78 27.20 12.49
CA SER A 304 -9.80 27.23 12.43
C SER A 304 -8.82 28.34 12.77
N PHE A 305 -7.54 28.01 12.91
CA PHE A 305 -6.51 29.00 13.07
C PHE A 305 -5.36 28.54 12.20
N ALA A 306 -5.17 29.17 11.05
CA ALA A 306 -4.19 28.68 10.10
C ALA A 306 -3.31 29.80 9.52
N PRO A 307 -2.15 30.06 10.15
CA PRO A 307 -1.25 31.11 9.68
C PRO A 307 -0.40 30.69 8.48
N ALA A 308 -0.13 31.65 7.60
CA ALA A 308 0.77 31.44 6.47
C ALA A 308 2.22 31.43 6.98
N CYS A 309 2.66 30.28 7.48
CA CYS A 309 3.99 30.10 7.98
C CYS A 309 4.52 28.72 7.61
N LEU A 310 5.83 28.64 7.48
CA LEU A 310 6.52 27.36 7.36
C LEU A 310 6.97 26.97 8.75
N SER A 311 6.23 26.10 9.43
CA SER A 311 6.56 25.72 10.80
C SER A 311 5.94 24.39 11.08
N HIS A 312 6.06 23.91 12.31
CA HIS A 312 5.54 22.60 12.68
C HIS A 312 5.25 22.57 14.18
N GLU A 313 3.98 22.36 14.52
CA GLU A 313 3.45 22.41 15.89
C GLU A 313 3.46 23.83 16.42
N ILE A 314 2.67 24.05 17.46
CA ILE A 314 2.61 25.36 18.11
C ILE A 314 2.12 25.31 19.57
N ILE A 315 1.16 24.43 19.89
CA ILE A 315 0.38 24.65 21.10
C ILE A 315 1.07 24.36 22.42
N ILE A 316 2.08 23.50 22.45
CA ILE A 316 2.91 23.42 23.65
C ILE A 316 4.20 24.22 23.55
N ARG A 317 4.31 25.05 22.54
CA ARG A 317 5.48 25.94 22.46
C ARG A 317 5.20 27.25 23.21
N SER A 318 6.24 27.81 23.81
CA SER A 318 6.11 28.96 24.72
C SER A 318 5.64 30.22 24.01
N HIS A 319 5.95 30.27 22.74
CA HIS A 319 5.67 31.38 21.89
C HIS A 319 4.33 31.25 21.15
N TRP A 320 3.52 30.28 21.56
CA TRP A 320 2.16 30.15 21.01
C TRP A 320 1.23 31.35 21.26
N THR A 321 1.55 32.21 22.21
CA THR A 321 0.81 33.47 22.48
C THR A 321 1.13 34.61 21.52
N ASP A 322 2.22 34.48 20.72
CA ASP A 322 2.69 35.56 19.85
C ASP A 322 2.18 35.51 18.40
N VAL A 323 1.77 34.35 17.91
CA VAL A 323 1.21 34.29 16.57
C VAL A 323 -0.23 34.85 16.55
N GLN A 324 -0.53 35.63 15.52
CA GLN A 324 -1.84 36.27 15.32
C GLN A 324 -2.27 36.07 13.89
N VAL A 325 -3.58 35.92 13.68
CA VAL A 325 -4.21 35.95 12.36
C VAL A 325 -5.38 36.92 12.44
N LYS A 326 -5.43 37.88 11.50
CA LYS A 326 -6.49 38.90 11.47
C LYS A 326 -6.68 39.52 12.84
N GLY A 327 -5.58 39.94 13.44
CA GLY A 327 -5.61 40.61 14.73
C GLY A 327 -5.90 39.76 15.95
N THR A 328 -6.09 38.45 15.80
CA THR A 328 -6.45 37.59 16.93
C THR A 328 -5.34 36.56 17.25
N SER A 329 -4.97 36.49 18.52
CA SER A 329 -4.02 35.49 18.99
C SER A 329 -4.69 34.09 19.15
N LEU A 330 -3.90 33.04 19.11
CA LEU A 330 -4.45 31.70 19.28
C LEU A 330 -5.10 31.43 20.63
N PRO A 331 -4.42 31.77 21.75
CA PRO A 331 -5.12 31.53 23.05
C PRO A 331 -6.51 32.15 23.11
N ARG A 332 -6.64 33.37 22.58
CA ARG A 332 -7.90 34.05 22.62
C ARG A 332 -8.93 33.39 21.71
N ALA A 333 -8.54 33.03 20.50
CA ALA A 333 -9.43 32.32 19.58
C ALA A 333 -9.98 31.07 20.25
N LEU A 334 -9.10 30.33 20.92
CA LEU A 334 -9.48 29.08 21.58
C LEU A 334 -10.45 29.36 22.73
N HIS A 335 -10.15 30.40 23.50
CA HIS A 335 -10.94 30.69 24.65
C HIS A 335 -12.33 31.12 24.23
N CYS A 336 -12.44 31.95 23.21
CA CYS A 336 -13.76 32.29 22.66
C CYS A 336 -14.55 31.07 22.12
N TRP A 337 -13.89 30.22 21.33
CA TRP A 337 -14.54 29.03 20.83
C TRP A 337 -15.03 28.15 21.98
N ASP A 338 -14.17 27.89 22.94
CA ASP A 338 -14.49 26.94 23.97
C ASP A 338 -15.67 27.45 24.82
N ARG A 339 -15.61 28.72 25.22
CA ARG A 339 -16.61 29.33 26.12
C ARG A 339 -17.96 29.41 25.45
N SER A 340 -17.98 29.81 24.20
CA SER A 340 -19.25 29.94 23.49
C SER A 340 -19.90 28.54 23.26
N LEU A 341 -19.13 27.53 22.85
CA LEU A 341 -19.68 26.16 22.78
C LEU A 341 -20.23 25.67 24.11
N HIS A 342 -19.50 25.94 25.18
CA HIS A 342 -19.82 25.40 26.48
C HIS A 342 -21.18 25.89 26.99
N ASP A 343 -21.43 27.18 26.80
CA ASP A 343 -22.71 27.81 27.10
C ASP A 343 -23.84 27.49 26.11
N SER A 344 -23.48 27.08 24.88
CA SER A 344 -24.47 26.78 23.86
C SER A 344 -25.28 25.55 24.20
N HIS A 345 -26.37 25.40 23.49
CA HIS A 345 -27.38 24.43 23.81
C HIS A 345 -28.21 24.22 22.57
N LYS A 346 -29.00 23.15 22.56
CA LYS A 346 -29.73 22.72 21.38
C LYS A 346 -30.53 23.88 20.70
N ALA A 347 -31.14 24.77 21.49
CA ALA A 347 -31.87 25.93 20.93
C ALA A 347 -31.01 27.02 20.26
N SER A 348 -29.69 26.98 20.43
CA SER A 348 -28.78 28.01 19.91
C SER A 348 -28.72 27.99 18.37
N LYS A 349 -29.00 29.13 17.74
CA LYS A 349 -28.92 29.23 16.29
C LYS A 349 -27.45 29.23 15.83
N THR A 350 -26.65 30.15 16.37
CA THR A 350 -25.27 30.34 15.94
C THR A 350 -24.33 30.40 17.16
N PRO A 351 -23.87 29.22 17.63
CA PRO A 351 -23.05 29.12 18.85
C PRO A 351 -21.78 30.00 18.83
N LEU A 352 -21.09 30.01 17.70
CA LEU A 352 -19.80 30.70 17.61
C LEU A 352 -19.96 32.19 17.29
N LYS A 353 -21.19 32.70 17.25
CA LYS A 353 -21.38 34.08 16.84
C LYS A 353 -20.75 35.03 17.87
N GLY A 354 -20.15 36.11 17.39
CA GLY A 354 -19.35 36.97 18.22
C GLY A 354 -17.94 36.45 18.50
N CYS A 355 -17.63 35.22 18.07
CA CYS A 355 -16.24 34.78 18.15
C CYS A 355 -15.52 35.08 16.83
N PRO A 356 -14.23 35.38 16.91
CA PRO A 356 -13.49 35.44 15.67
C PRO A 356 -13.34 34.02 15.11
N VAL A 357 -13.82 33.82 13.88
CA VAL A 357 -13.79 32.49 13.27
C VAL A 357 -13.04 32.52 11.94
N HIS A 358 -12.86 31.36 11.32
CA HIS A 358 -12.14 31.29 10.01
C HIS A 358 -10.85 32.11 9.99
N LEU A 359 -10.03 31.93 11.03
CA LEU A 359 -8.79 32.63 11.16
C LEU A 359 -7.73 31.97 10.32
N VAL A 360 -7.92 32.12 9.00
CA VAL A 360 -7.10 31.50 8.01
C VAL A 360 -6.44 32.60 7.18
N ASP A 361 -5.12 32.61 7.11
CA ASP A 361 -4.46 33.55 6.22
C ASP A 361 -4.80 33.28 4.75
N SER A 362 -4.88 34.35 3.98
CA SER A 362 -5.10 34.24 2.54
C SER A 362 -3.85 34.60 1.74
N CYS A 363 -2.82 35.13 2.39
CA CYS A 363 -1.63 35.56 1.68
C CYS A 363 -0.80 34.33 1.26
N PRO A 364 -0.01 34.46 0.19
CA PRO A 364 0.34 33.27 -0.61
C PRO A 364 1.68 32.57 -0.37
N TRP A 365 2.49 33.04 0.58
CA TRP A 365 3.85 32.54 0.72
C TRP A 365 4.25 32.46 2.21
N PRO A 366 5.07 31.47 2.60
CA PRO A 366 5.55 31.37 3.98
C PRO A 366 6.07 32.68 4.54
N HIS A 367 5.58 33.02 5.72
CA HIS A 367 5.99 34.21 6.44
C HIS A 367 5.40 35.51 5.90
N CYS A 368 4.44 35.45 4.97
CA CYS A 368 3.68 36.65 4.62
C CYS A 368 2.93 37.18 5.84
N ASN A 369 2.64 36.33 6.83
CA ASN A 369 2.13 36.78 8.11
C ASN A 369 3.34 37.22 8.96
N PRO A 370 3.42 38.51 9.34
CA PRO A 370 4.55 38.99 10.17
C PRO A 370 4.75 38.33 11.52
N SER A 371 3.77 37.63 12.06
CA SER A 371 3.90 37.09 13.42
C SER A 371 4.41 35.65 13.42
N CYS A 372 4.82 35.11 12.28
CA CYS A 372 5.34 33.73 12.25
C CYS A 372 6.53 33.53 13.18
N PRO A 373 6.67 32.35 13.81
CA PRO A 373 7.83 32.15 14.69
C PRO A 373 9.11 31.86 13.90
N THR A 374 10.28 32.08 14.50
CA THR A 374 11.55 31.74 13.84
C THR A 374 12.05 30.37 14.30
N GLU B 10 -4.41 -26.61 -39.33
CA GLU B 10 -3.02 -27.05 -39.08
C GLU B 10 -2.50 -26.69 -37.68
N ASP B 11 -1.79 -27.63 -37.07
CA ASP B 11 -1.43 -27.58 -35.69
C ASP B 11 -0.01 -27.13 -35.57
N LEU B 12 0.42 -26.87 -34.34
CA LEU B 12 1.80 -26.61 -34.03
C LEU B 12 2.50 -27.96 -33.95
N ARG B 13 3.74 -28.02 -34.41
CA ARG B 13 4.48 -29.27 -34.49
C ARG B 13 5.66 -29.31 -33.50
N LEU B 14 5.79 -30.44 -32.83
CA LEU B 14 6.89 -30.66 -31.89
C LEU B 14 8.29 -30.70 -32.54
N HIS B 15 9.24 -29.98 -31.93
CA HIS B 15 10.66 -30.08 -32.24
C HIS B 15 11.39 -30.26 -30.92
N LEU B 16 12.23 -31.29 -30.80
CA LEU B 16 13.06 -31.43 -29.61
C LEU B 16 14.31 -30.62 -29.79
N LEU B 17 14.81 -30.08 -28.70
CA LEU B 17 16.00 -29.25 -28.79
C LEU B 17 17.18 -30.10 -29.27
N LEU B 18 17.84 -29.63 -30.35
CA LEU B 18 19.11 -30.18 -30.84
C LEU B 18 20.18 -30.26 -29.75
N ASN B 19 20.33 -29.20 -28.94
CA ASN B 19 21.25 -29.27 -27.79
C ASN B 19 20.67 -30.19 -26.73
N THR B 20 21.19 -31.42 -26.71
CA THR B 20 20.67 -32.48 -25.85
C THR B 20 21.11 -32.32 -24.39
N SER B 21 22.01 -31.37 -24.15
CA SER B 21 22.43 -30.99 -22.79
C SER B 21 21.33 -30.30 -21.97
N VAL B 22 20.35 -29.67 -22.63
CA VAL B 22 19.22 -29.05 -21.93
C VAL B 22 18.05 -30.03 -21.89
N THR B 23 17.55 -30.30 -20.69
CA THR B 23 16.60 -31.40 -20.50
C THR B 23 15.42 -31.08 -19.62
N CYS B 24 14.43 -31.96 -19.68
CA CYS B 24 13.36 -31.97 -18.71
C CYS B 24 13.90 -32.54 -17.38
N ASN B 25 13.08 -32.51 -16.33
CA ASN B 25 13.49 -32.96 -15.01
C ASN B 25 14.19 -34.33 -15.01
N ASP B 26 13.60 -35.29 -15.72
CA ASP B 26 14.06 -36.66 -15.71
C ASP B 26 15.16 -36.94 -16.74
N GLY B 27 15.75 -35.93 -17.33
CA GLY B 27 16.79 -36.15 -18.34
C GLY B 27 16.34 -36.25 -19.78
N SER B 28 15.05 -36.52 -20.02
CA SER B 28 14.52 -36.57 -21.40
C SER B 28 14.63 -35.20 -22.05
N PRO B 29 14.63 -35.16 -23.38
CA PRO B 29 14.89 -33.89 -24.03
C PRO B 29 13.72 -32.86 -23.93
N ALA B 30 14.11 -31.60 -23.73
CA ALA B 30 13.18 -30.48 -23.72
C ALA B 30 12.85 -30.11 -25.17
N GLY B 31 11.85 -29.26 -25.35
CA GLY B 31 11.37 -28.96 -26.70
C GLY B 31 10.36 -27.82 -26.79
N TYR B 32 9.79 -27.68 -27.98
CA TYR B 32 8.81 -26.65 -28.26
C TYR B 32 7.96 -27.07 -29.44
N TYR B 33 6.75 -26.55 -29.49
CA TYR B 33 5.90 -26.79 -30.63
C TYR B 33 5.90 -25.49 -31.43
N LEU B 34 5.83 -25.59 -32.74
CA LEU B 34 5.85 -24.44 -33.63
C LEU B 34 4.87 -24.58 -34.80
N LYS B 35 4.06 -23.55 -35.02
CA LYS B 35 3.35 -23.32 -36.27
C LYS B 35 3.85 -22.00 -36.91
N GLU B 36 4.56 -22.13 -38.03
CA GLU B 36 5.18 -21.04 -38.69
C GLU B 36 4.12 -20.29 -39.47
N SER B 37 4.33 -18.99 -39.64
CA SER B 37 3.46 -18.15 -40.46
C SER B 37 4.41 -17.16 -41.09
N ARG B 38 4.81 -17.46 -42.32
CA ARG B 38 5.88 -16.70 -43.00
C ARG B 38 5.47 -15.32 -43.45
N GLY B 39 4.18 -15.11 -43.63
CA GLY B 39 3.68 -13.79 -43.93
C GLY B 39 3.71 -12.85 -42.74
N SER B 40 4.04 -13.33 -41.55
CA SER B 40 3.96 -12.48 -40.36
C SER B 40 5.30 -12.31 -39.70
N ARG B 41 5.58 -11.13 -39.16
CA ARG B 41 6.79 -10.90 -38.39
C ARG B 41 6.52 -10.86 -36.88
N ARG B 42 5.34 -11.31 -36.48
CA ARG B 42 4.96 -11.37 -35.08
C ARG B 42 5.19 -12.79 -34.58
N TRP B 43 5.87 -12.91 -33.44
CA TRP B 43 6.07 -14.23 -32.80
C TRP B 43 5.50 -14.26 -31.38
N LEU B 44 4.66 -15.27 -31.08
CA LEU B 44 4.11 -15.50 -29.73
C LEU B 44 4.71 -16.78 -29.12
N LEU B 45 5.46 -16.62 -28.03
CA LEU B 45 6.08 -17.72 -27.32
C LEU B 45 5.39 -17.94 -25.99
N PHE B 46 4.70 -19.08 -25.83
CA PHE B 46 3.91 -19.33 -24.64
C PHE B 46 4.60 -20.29 -23.71
N LEU B 47 4.69 -19.91 -22.44
CA LEU B 47 5.22 -20.76 -21.38
C LEU B 47 4.09 -21.41 -20.59
N GLU B 48 4.00 -22.73 -20.67
CA GLU B 48 3.00 -23.48 -19.94
C GLU B 48 3.30 -23.41 -18.45
N GLY B 49 2.25 -23.53 -17.62
CA GLY B 49 2.44 -23.68 -16.17
C GLY B 49 2.06 -25.03 -15.61
N GLY B 50 1.77 -25.08 -14.32
CA GLY B 50 1.47 -26.31 -13.59
C GLY B 50 2.34 -26.48 -12.33
N TRP B 51 2.38 -25.46 -11.50
CA TRP B 51 3.15 -25.46 -10.25
C TRP B 51 4.65 -25.70 -10.39
N TYR B 52 5.15 -26.61 -9.56
CA TYR B 52 6.58 -26.74 -9.29
C TYR B 52 6.75 -27.81 -8.18
N CYS B 53 8.00 -28.17 -7.90
CA CYS B 53 8.33 -28.99 -6.73
C CYS B 53 9.65 -28.48 -6.21
N PHE B 54 9.78 -28.42 -4.88
CA PHE B 54 10.87 -27.69 -4.25
C PHE B 54 11.83 -28.53 -3.39
N ASN B 55 11.64 -29.86 -3.39
CA ASN B 55 12.67 -30.76 -2.89
C ASN B 55 12.53 -32.18 -3.47
N ARG B 56 13.44 -33.05 -3.06
CA ARG B 56 13.54 -34.39 -3.61
C ARG B 56 12.26 -35.19 -3.44
N GLU B 57 11.66 -35.13 -2.25
CA GLU B 57 10.48 -35.93 -1.94
C GLU B 57 9.25 -35.44 -2.69
N ASN B 58 9.09 -34.11 -2.70
CA ASN B 58 8.02 -33.43 -3.42
C ASN B 58 8.03 -33.77 -4.91
N CYS B 59 9.23 -33.73 -5.51
CA CYS B 59 9.40 -34.04 -6.94
C CYS B 59 9.14 -35.51 -7.30
N ASP B 60 9.56 -36.42 -6.42
CA ASP B 60 9.30 -37.86 -6.58
C ASP B 60 7.82 -38.07 -6.62
N SER B 61 7.14 -37.46 -5.67
CA SER B 61 5.69 -37.52 -5.59
C SER B 61 5.03 -36.96 -6.87
N ARG B 62 5.53 -35.83 -7.36
CA ARG B 62 5.06 -35.25 -8.64
C ARG B 62 5.45 -36.14 -9.83
N TYR B 63 6.60 -36.80 -9.76
CA TYR B 63 6.97 -37.74 -10.83
C TYR B 63 5.97 -38.89 -10.97
N ASP B 64 5.39 -39.33 -9.83
CA ASP B 64 4.42 -40.43 -9.82
C ASP B 64 2.99 -40.02 -10.19
N THR B 65 2.56 -38.81 -9.83
CA THR B 65 1.19 -38.34 -10.11
C THR B 65 1.05 -37.40 -11.35
N MET B 66 2.12 -36.71 -11.72
CA MET B 66 2.07 -35.69 -12.81
C MET B 66 3.31 -35.81 -13.69
N ARG B 67 3.54 -37.00 -14.25
CA ARG B 67 4.81 -37.26 -14.94
C ARG B 67 4.94 -36.42 -16.19
N ARG B 68 3.79 -36.14 -16.81
CA ARG B 68 3.71 -35.21 -17.96
C ARG B 68 4.43 -33.88 -17.72
N LEU B 69 4.49 -33.40 -16.48
CA LEU B 69 5.16 -32.15 -16.17
C LEU B 69 6.64 -32.27 -15.79
N MET B 70 7.21 -33.47 -15.93
CA MET B 70 8.61 -33.67 -15.61
C MET B 70 9.37 -34.40 -16.71
N SER B 71 8.77 -34.53 -17.89
CA SER B 71 9.27 -35.47 -18.89
C SER B 71 8.61 -35.19 -20.20
N SER B 72 9.35 -35.30 -21.30
CA SER B 72 8.80 -35.17 -22.67
C SER B 72 8.37 -36.48 -23.31
N ARG B 73 8.51 -37.59 -22.58
CA ARG B 73 8.17 -38.94 -23.08
C ARG B 73 6.81 -39.02 -23.76
N ASP B 74 5.76 -38.57 -23.11
CA ASP B 74 4.41 -38.75 -23.65
C ASP B 74 3.84 -37.52 -24.41
N TRP B 75 4.69 -36.57 -24.76
CA TRP B 75 4.23 -35.42 -25.56
C TRP B 75 3.77 -35.88 -26.95
N PRO B 76 2.57 -35.42 -27.39
CA PRO B 76 2.13 -35.78 -28.72
C PRO B 76 2.98 -34.99 -29.74
N ARG B 77 2.97 -35.42 -31.00
CA ARG B 77 3.75 -34.77 -32.05
C ARG B 77 3.21 -33.41 -32.46
N THR B 78 1.93 -33.17 -32.24
CA THR B 78 1.34 -31.91 -32.62
C THR B 78 0.38 -31.50 -31.52
N ARG B 79 0.06 -30.21 -31.49
CA ARG B 79 -1.08 -29.72 -30.74
C ARG B 79 -1.78 -28.58 -31.44
N THR B 80 -3.08 -28.51 -31.21
CA THR B 80 -3.88 -27.47 -31.79
C THR B 80 -3.66 -26.21 -30.95
N GLY B 81 -3.35 -25.11 -31.61
CA GLY B 81 -3.29 -23.85 -30.91
C GLY B 81 -4.68 -23.36 -30.52
N THR B 82 -4.81 -22.93 -29.27
CA THR B 82 -6.06 -22.42 -28.75
C THR B 82 -5.87 -21.03 -28.13
N GLY B 83 -6.98 -20.29 -28.01
CA GLY B 83 -6.94 -18.90 -27.56
C GLY B 83 -5.92 -18.10 -28.36
N ILE B 84 -4.98 -17.50 -27.64
CA ILE B 84 -3.97 -16.64 -28.21
C ILE B 84 -2.98 -17.35 -29.14
N LEU B 85 -2.92 -18.69 -29.05
CA LEU B 85 -2.13 -19.49 -30.00
C LEU B 85 -2.99 -20.06 -31.15
N SER B 86 -4.27 -19.69 -31.23
CA SER B 86 -5.11 -20.10 -32.37
C SER B 86 -4.82 -19.32 -33.68
N SER B 87 -5.00 -19.98 -34.82
CA SER B 87 -4.83 -19.35 -36.11
C SER B 87 -6.17 -18.97 -36.72
N GLN B 88 -7.24 -19.23 -35.98
CA GLN B 88 -8.57 -18.86 -36.43
C GLN B 88 -8.90 -17.42 -35.97
N PRO B 89 -9.15 -16.49 -36.91
CA PRO B 89 -9.54 -15.13 -36.58
C PRO B 89 -10.67 -15.09 -35.59
N GLU B 90 -11.59 -16.03 -35.76
CA GLU B 90 -12.76 -16.07 -34.90
CA GLU B 90 -12.76 -16.10 -34.92
C GLU B 90 -12.38 -16.33 -33.44
N GLU B 91 -11.24 -16.98 -33.20
CA GLU B 91 -10.83 -17.30 -31.83
C GLU B 91 -9.68 -16.42 -31.30
N ASN B 92 -9.02 -15.72 -32.21
CA ASN B 92 -7.86 -14.88 -31.97
C ASN B 92 -7.88 -13.69 -32.90
N PRO B 93 -8.74 -12.69 -32.61
CA PRO B 93 -9.13 -11.74 -33.70
C PRO B 93 -8.04 -10.82 -34.18
N TYR B 94 -7.08 -10.47 -33.34
CA TYR B 94 -6.00 -9.58 -33.79
C TYR B 94 -4.70 -10.32 -34.19
N TRP B 95 -4.38 -11.44 -33.52
CA TRP B 95 -3.08 -12.08 -33.67
C TRP B 95 -3.13 -13.49 -34.26
N TRP B 96 -4.24 -13.87 -34.87
CA TRP B 96 -4.38 -15.20 -35.51
C TRP B 96 -3.27 -15.55 -36.56
N ASN B 97 -2.66 -14.55 -37.20
CA ASN B 97 -1.65 -14.79 -38.22
C ASN B 97 -0.20 -14.89 -37.74
N ALA B 98 0.04 -14.74 -36.43
CA ALA B 98 1.37 -14.79 -35.88
C ALA B 98 2.01 -16.18 -36.01
N ASN B 99 3.32 -16.20 -35.81
CA ASN B 99 4.09 -17.40 -35.65
C ASN B 99 3.91 -17.80 -34.22
N MET B 100 3.45 -19.04 -34.03
CA MET B 100 3.04 -19.57 -32.73
C MET B 100 4.02 -20.63 -32.20
N VAL B 101 4.35 -20.51 -30.91
CA VAL B 101 5.28 -21.40 -30.19
C VAL B 101 4.73 -21.65 -28.80
N PHE B 102 4.62 -22.93 -28.47
CA PHE B 102 4.17 -23.41 -27.17
C PHE B 102 5.34 -24.19 -26.61
N ILE B 103 5.81 -23.81 -25.44
CA ILE B 103 6.93 -24.48 -24.81
C ILE B 103 6.44 -25.23 -23.58
N PRO B 104 6.47 -26.57 -23.62
CA PRO B 104 5.90 -27.29 -22.48
C PRO B 104 6.73 -27.11 -21.25
N TYR B 105 6.07 -27.11 -20.11
CA TYR B 105 6.68 -27.01 -18.81
C TYR B 105 7.11 -28.40 -18.32
N CYS B 106 8.40 -28.66 -18.38
CA CYS B 106 8.92 -29.95 -17.93
C CYS B 106 10.08 -29.84 -16.97
N SER B 107 10.16 -28.69 -16.32
CA SER B 107 11.27 -28.33 -15.44
C SER B 107 10.86 -28.01 -14.01
N SER B 108 9.56 -27.88 -13.72
CA SER B 108 9.05 -27.84 -12.33
C SER B 108 9.70 -26.78 -11.46
N ASP B 109 10.13 -25.69 -12.10
CA ASP B 109 11.01 -24.72 -11.46
C ASP B 109 10.61 -23.25 -11.72
N VAL B 110 9.36 -23.06 -12.10
CA VAL B 110 8.83 -21.75 -12.45
C VAL B 110 9.71 -21.07 -13.49
N TRP B 111 10.32 -21.89 -14.36
CA TRP B 111 11.20 -21.43 -15.44
C TRP B 111 12.46 -20.65 -14.95
N SER B 112 12.91 -20.99 -13.73
CA SER B 112 14.04 -20.28 -13.10
C SER B 112 15.35 -21.08 -13.11
N GLY B 113 15.29 -22.39 -13.33
CA GLY B 113 16.49 -23.22 -13.20
C GLY B 113 17.53 -22.95 -14.27
N ALA B 114 18.76 -22.75 -13.84
CA ALA B 114 19.80 -22.30 -14.75
C ALA B 114 21.03 -23.20 -14.86
N SER B 115 21.16 -24.22 -14.03
CA SER B 115 22.39 -25.03 -14.04
C SER B 115 22.33 -26.17 -15.04
N GLU B 122 20.16 -35.33 -9.07
CA GLU B 122 19.04 -36.24 -9.28
C GLU B 122 18.05 -35.80 -10.40
N TYR B 123 17.37 -34.68 -10.21
CA TYR B 123 16.55 -34.09 -11.29
C TYR B 123 17.26 -32.86 -11.80
N ALA B 124 17.07 -32.59 -13.09
CA ALA B 124 17.62 -31.39 -13.74
C ALA B 124 16.57 -30.27 -13.71
N PHE B 125 17.00 -29.08 -13.32
CA PHE B 125 16.09 -27.93 -13.29
C PHE B 125 16.61 -26.84 -14.21
N MET B 126 16.14 -26.83 -15.46
CA MET B 126 16.75 -26.06 -16.54
C MET B 126 15.79 -25.06 -17.26
N GLY B 127 14.72 -24.69 -16.58
CA GLY B 127 13.70 -23.78 -17.14
C GLY B 127 14.27 -22.58 -17.86
N ALA B 128 15.13 -21.85 -17.15
CA ALA B 128 15.72 -20.64 -17.71
C ALA B 128 16.58 -20.91 -18.95
N LEU B 129 17.23 -22.07 -18.99
CA LEU B 129 18.06 -22.51 -20.15
C LEU B 129 17.25 -23.12 -21.30
N ILE B 130 16.13 -23.74 -21.00
CA ILE B 130 15.22 -24.14 -22.05
C ILE B 130 14.71 -22.94 -22.89
N ILE B 131 14.22 -21.91 -22.22
CA ILE B 131 13.75 -20.70 -22.91
C ILE B 131 14.85 -20.13 -23.80
N GLN B 132 16.07 -20.08 -23.27
CA GLN B 132 17.21 -19.51 -23.98
C GLN B 132 17.55 -20.31 -25.22
N GLU B 133 17.49 -21.63 -25.11
CA GLU B 133 17.78 -22.48 -26.23
C GLU B 133 16.65 -22.44 -27.30
N VAL B 134 15.40 -22.34 -26.89
CA VAL B 134 14.30 -22.23 -27.84
C VAL B 134 14.49 -20.95 -28.62
N VAL B 135 14.80 -19.86 -27.92
CA VAL B 135 15.01 -18.57 -28.59
C VAL B 135 16.15 -18.71 -29.59
N ARG B 136 17.25 -19.34 -29.19
CA ARG B 136 18.37 -19.58 -30.11
C ARG B 136 17.96 -20.34 -31.38
N GLU B 137 17.22 -21.45 -31.24
CA GLU B 137 16.82 -22.21 -32.44
C GLU B 137 15.86 -21.45 -33.33
N LEU B 138 14.91 -20.75 -32.73
CA LEU B 138 13.91 -20.03 -33.53
C LEU B 138 14.53 -18.99 -34.45
N LEU B 139 15.67 -18.44 -34.07
CA LEU B 139 16.42 -17.48 -34.89
C LEU B 139 16.76 -18.02 -36.26
N GLY B 140 17.14 -19.30 -36.31
CA GLY B 140 17.30 -20.02 -37.56
C GLY B 140 16.00 -20.46 -38.24
N ARG B 141 14.86 -20.31 -37.57
CA ARG B 141 13.57 -20.66 -38.16
C ARG B 141 12.65 -19.48 -38.47
N GLY B 142 13.21 -18.28 -38.54
CA GLY B 142 12.47 -17.11 -39.04
C GLY B 142 12.48 -15.97 -38.05
N LEU B 143 12.84 -16.27 -36.81
CA LEU B 143 12.75 -15.26 -35.74
C LEU B 143 13.74 -14.13 -36.02
N SER B 144 14.82 -14.44 -36.73
CA SER B 144 15.82 -13.43 -37.03
C SER B 144 15.24 -12.19 -37.70
N GLY B 145 14.19 -12.37 -38.51
CA GLY B 145 13.55 -11.25 -39.18
C GLY B 145 12.30 -10.70 -38.51
N ALA B 146 12.05 -11.06 -37.25
CA ALA B 146 10.80 -10.66 -36.59
C ALA B 146 10.76 -9.19 -36.25
N LYS B 147 9.57 -8.64 -36.07
CA LYS B 147 9.43 -7.28 -35.52
C LYS B 147 9.05 -7.26 -34.04
N VAL B 148 8.41 -8.35 -33.58
CA VAL B 148 7.86 -8.47 -32.24
C VAL B 148 7.96 -9.90 -31.76
N LEU B 149 8.47 -10.04 -30.56
CA LEU B 149 8.38 -11.28 -29.84
C LEU B 149 7.65 -11.03 -28.51
N LEU B 150 6.43 -11.59 -28.42
CA LEU B 150 5.72 -11.63 -27.14
C LEU B 150 6.01 -12.91 -26.36
N LEU B 151 6.62 -12.75 -25.20
CA LEU B 151 6.81 -13.87 -24.24
C LEU B 151 5.60 -13.87 -23.29
N ALA B 152 4.76 -14.87 -23.48
CA ALA B 152 3.50 -15.03 -22.74
C ALA B 152 3.53 -16.32 -21.94
N GLY B 153 2.74 -16.41 -20.91
CA GLY B 153 2.65 -17.66 -20.15
C GLY B 153 1.54 -17.56 -19.15
N SER B 154 1.05 -18.73 -18.72
CA SER B 154 -0.06 -18.88 -17.76
C SER B 154 0.45 -19.62 -16.51
N SER B 155 -0.04 -19.16 -15.37
CA SER B 155 0.34 -19.62 -14.04
C SER B 155 1.85 -19.62 -13.78
N ALA B 156 2.47 -20.78 -13.57
CA ALA B 156 3.92 -20.81 -13.36
C ALA B 156 4.64 -20.24 -14.58
N GLY B 157 4.02 -20.38 -15.74
CA GLY B 157 4.54 -19.76 -16.96
C GLY B 157 4.42 -18.25 -16.97
N GLY B 158 3.34 -17.72 -16.42
CA GLY B 158 3.17 -16.26 -16.28
C GLY B 158 4.22 -15.68 -15.35
N THR B 159 4.48 -16.39 -14.26
CA THR B 159 5.60 -16.03 -13.40
C THR B 159 6.92 -16.19 -14.16
N GLY B 160 7.03 -17.23 -14.97
CA GLY B 160 8.17 -17.40 -15.84
C GLY B 160 8.45 -16.23 -16.75
N VAL B 161 7.40 -15.65 -17.32
CA VAL B 161 7.57 -14.44 -18.13
C VAL B 161 8.30 -13.31 -17.37
N LEU B 162 7.84 -13.03 -16.16
CA LEU B 162 8.43 -11.97 -15.36
C LEU B 162 9.90 -12.26 -15.05
N LEU B 163 10.18 -13.53 -14.76
CA LEU B 163 11.54 -13.97 -14.49
C LEU B 163 12.45 -13.98 -15.74
N ASN B 164 11.88 -14.08 -16.94
CA ASN B 164 12.69 -14.27 -18.14
C ASN B 164 12.69 -13.21 -19.24
N VAL B 165 11.68 -12.36 -19.27
CA VAL B 165 11.52 -11.48 -20.41
C VAL B 165 12.70 -10.52 -20.61
N ASP B 166 13.28 -9.93 -19.55
CA ASP B 166 14.44 -9.04 -19.70
C ASP B 166 15.65 -9.84 -20.13
N ARG B 167 15.76 -11.07 -19.67
CA ARG B 167 16.86 -11.93 -20.11
C ARG B 167 16.74 -12.25 -21.60
N VAL B 168 15.54 -12.57 -22.07
CA VAL B 168 15.35 -12.85 -23.50
C VAL B 168 15.70 -11.64 -24.34
N ALA B 169 15.26 -10.47 -23.89
CA ALA B 169 15.53 -9.22 -24.58
C ALA B 169 17.04 -8.95 -24.67
N GLU B 170 17.75 -9.23 -23.58
CA GLU B 170 19.18 -9.06 -23.53
C GLU B 170 19.87 -10.03 -24.48
N GLN B 171 19.44 -11.28 -24.45
CA GLN B 171 19.97 -12.30 -25.33
C GLN B 171 19.83 -11.88 -26.80
N LEU B 172 18.65 -11.43 -27.22
CA LEU B 172 18.46 -11.00 -28.61
C LEU B 172 19.36 -9.80 -28.97
N GLU B 173 19.43 -8.83 -28.05
CA GLU B 173 20.34 -7.67 -28.18
C GLU B 173 21.79 -8.13 -28.39
N LYS B 174 22.28 -8.99 -27.50
CA LYS B 174 23.65 -9.47 -27.54
C LYS B 174 23.98 -10.29 -28.80
N LEU B 175 23.00 -11.02 -29.34
CA LEU B 175 23.21 -11.75 -30.58
C LEU B 175 23.11 -10.87 -31.83
N GLY B 176 22.86 -9.57 -31.63
CA GLY B 176 22.77 -8.62 -32.73
C GLY B 176 21.43 -8.63 -33.45
N TYR B 177 20.33 -8.80 -32.69
CA TYR B 177 18.97 -8.66 -33.21
C TYR B 177 18.18 -7.61 -32.41
N PRO B 178 18.66 -6.36 -32.38
CA PRO B 178 18.06 -5.28 -31.58
C PRO B 178 16.69 -4.76 -32.02
N ALA B 179 16.32 -4.97 -33.28
CA ALA B 179 15.03 -4.52 -33.79
C ALA B 179 13.87 -5.43 -33.41
N ILE B 180 14.15 -6.59 -32.82
CA ILE B 180 13.05 -7.44 -32.36
C ILE B 180 12.47 -6.86 -31.07
N GLN B 181 11.28 -6.28 -31.14
CA GLN B 181 10.71 -5.65 -29.95
C GLN B 181 10.20 -6.76 -29.04
N VAL B 182 10.72 -6.82 -27.82
CA VAL B 182 10.36 -7.84 -26.87
C VAL B 182 9.36 -7.26 -25.88
N ARG B 183 8.21 -7.93 -25.76
CA ARG B 183 7.22 -7.61 -24.78
C ARG B 183 6.76 -8.88 -24.04
N GLY B 184 6.14 -8.69 -22.91
CA GLY B 184 5.74 -9.81 -22.09
C GLY B 184 4.27 -9.83 -21.79
N LEU B 185 3.72 -11.03 -21.61
CA LEU B 185 2.33 -11.23 -21.21
C LEU B 185 2.23 -12.25 -20.06
N ALA B 186 1.93 -11.80 -18.86
CA ALA B 186 1.91 -12.66 -17.71
C ALA B 186 0.45 -12.91 -17.28
N ASP B 187 -0.02 -14.15 -17.46
CA ASP B 187 -1.39 -14.57 -17.13
C ASP B 187 -1.41 -15.49 -15.91
N SER B 188 -2.13 -15.08 -14.88
CA SER B 188 -2.26 -15.84 -13.64
C SER B 188 -0.93 -16.17 -13.01
N GLY B 189 0.02 -15.25 -13.14
CA GLY B 189 1.32 -15.41 -12.52
C GLY B 189 1.65 -14.35 -11.47
N TRP B 190 0.65 -13.59 -11.04
CA TRP B 190 0.83 -12.47 -10.13
C TRP B 190 0.26 -12.81 -8.75
N PHE B 191 1.10 -13.37 -7.88
CA PHE B 191 0.66 -13.80 -6.55
C PHE B 191 1.10 -12.89 -5.43
N LEU B 192 0.39 -12.95 -4.32
CA LEU B 192 0.70 -12.22 -3.12
C LEU B 192 1.40 -13.14 -2.14
N ASP B 193 2.43 -12.63 -1.49
CA ASP B 193 3.17 -13.40 -0.50
C ASP B 193 2.52 -13.14 0.84
N ASN B 194 1.22 -13.34 0.87
CA ASN B 194 0.39 -12.91 1.99
C ASN B 194 0.35 -14.03 3.03
N LYS B 195 -0.44 -13.83 4.07
CA LYS B 195 -0.63 -14.89 5.07
C LYS B 195 -1.84 -15.77 4.70
N GLN B 196 -1.80 -17.01 5.16
CA GLN B 196 -2.81 -18.00 4.83
C GLN B 196 -4.09 -17.74 5.62
N TYR B 197 -5.20 -18.32 5.19
CA TYR B 197 -6.47 -18.21 5.94
C TYR B 197 -6.43 -19.20 7.12
N ARG B 198 -5.86 -20.38 6.89
CA ARG B 198 -5.52 -21.31 7.97
C ARG B 198 -4.10 -21.83 7.75
N HIS B 199 -3.28 -21.75 8.80
CA HIS B 199 -1.87 -22.18 8.77
C HIS B 199 -1.73 -23.69 8.50
N THR B 200 -0.89 -24.03 7.53
CA THR B 200 -0.57 -25.42 7.19
C THR B 200 0.94 -25.59 7.32
N ASP B 201 1.37 -26.70 7.93
CA ASP B 201 2.79 -27.04 8.00
C ASP B 201 3.23 -27.42 6.58
N CYS B 202 4.34 -26.84 6.10
CA CYS B 202 4.77 -27.08 4.72
C CYS B 202 5.15 -28.54 4.54
N VAL B 203 4.17 -29.33 4.09
CA VAL B 203 4.39 -30.73 3.74
C VAL B 203 4.26 -30.85 2.23
N ASP B 204 3.02 -30.86 1.73
CA ASP B 204 2.77 -31.02 0.29
C ASP B 204 3.12 -29.75 -0.48
N THR B 205 2.84 -29.73 -1.78
CA THR B 205 3.05 -28.54 -2.63
C THR B 205 1.89 -27.55 -2.46
N ILE B 206 0.65 -28.06 -2.46
CA ILE B 206 -0.54 -27.25 -2.21
C ILE B 206 -0.66 -26.83 -0.74
N THR B 207 -0.39 -27.76 0.17
CA THR B 207 -0.45 -27.50 1.62
C THR B 207 0.85 -26.86 2.15
N CYS B 208 1.27 -25.77 1.48
CA CYS B 208 2.47 -25.03 1.87
C CYS B 208 2.36 -23.55 1.47
N ALA B 209 2.95 -22.70 2.31
CA ALA B 209 2.90 -21.26 2.11
C ALA B 209 3.80 -20.83 0.95
N PRO B 210 3.32 -19.89 0.11
CA PRO B 210 4.06 -19.51 -1.11
C PRO B 210 5.48 -19.04 -0.83
N THR B 211 5.64 -18.16 0.16
CA THR B 211 6.94 -17.66 0.58
C THR B 211 7.97 -18.75 0.89
N GLU B 212 7.65 -19.69 1.77
CA GLU B 212 8.62 -20.75 2.07
C GLU B 212 8.82 -21.70 0.90
N ALA B 213 7.73 -21.98 0.17
CA ALA B 213 7.78 -22.83 -1.02
C ALA B 213 8.90 -22.39 -1.97
N ILE B 214 8.91 -21.10 -2.29
CA ILE B 214 9.89 -20.51 -3.20
C ILE B 214 11.26 -20.50 -2.57
N ARG B 215 11.33 -20.01 -1.33
CA ARG B 215 12.57 -19.98 -0.57
C ARG B 215 13.29 -21.33 -0.72
N ARG B 216 12.57 -22.43 -0.51
CA ARG B 216 13.15 -23.78 -0.68
C ARG B 216 13.53 -24.01 -2.14
N GLY B 217 12.55 -23.81 -3.03
CA GLY B 217 12.72 -24.14 -4.45
C GLY B 217 13.90 -23.47 -5.10
N ILE B 218 14.01 -22.16 -4.90
CA ILE B 218 15.08 -21.36 -5.49
C ILE B 218 16.44 -22.03 -5.21
N ARG B 219 16.62 -22.47 -3.96
CA ARG B 219 17.86 -23.09 -3.47
C ARG B 219 18.04 -24.44 -4.17
N TYR B 220 16.97 -25.23 -4.21
CA TYR B 220 16.98 -26.56 -4.82
C TYR B 220 17.21 -26.55 -6.34
N TRP B 221 16.71 -25.52 -7.03
CA TRP B 221 16.74 -25.44 -8.50
C TRP B 221 18.00 -24.78 -9.04
N ASN B 222 18.73 -24.10 -8.15
CA ASN B 222 19.76 -23.14 -8.56
C ASN B 222 19.10 -22.07 -9.45
N GLY B 223 17.98 -21.56 -8.94
CA GLY B 223 17.05 -20.71 -9.69
C GLY B 223 17.61 -19.32 -9.80
N VAL B 224 17.44 -18.67 -10.94
CA VAL B 224 17.95 -17.30 -11.11
C VAL B 224 16.82 -16.32 -11.26
N VAL B 225 17.11 -15.05 -10.98
CA VAL B 225 16.09 -14.02 -10.99
C VAL B 225 16.58 -12.82 -11.78
N PRO B 226 15.67 -11.92 -12.15
CA PRO B 226 16.17 -10.77 -12.91
C PRO B 226 17.24 -10.00 -12.14
N GLU B 227 18.29 -9.57 -12.87
CA GLU B 227 19.41 -8.80 -12.31
C GLU B 227 18.94 -7.63 -11.48
N ARG B 228 18.21 -6.71 -12.13
CA ARG B 228 17.75 -5.48 -11.49
C ARG B 228 17.03 -5.77 -10.17
N CYS B 229 16.23 -6.83 -10.17
CA CYS B 229 15.46 -7.24 -8.98
C CYS B 229 16.36 -7.84 -7.90
N ARG B 230 17.33 -8.65 -8.33
CA ARG B 230 18.31 -9.25 -7.40
C ARG B 230 19.03 -8.14 -6.62
N ARG B 231 19.58 -7.16 -7.33
CA ARG B 231 20.24 -6.01 -6.70
C ARG B 231 19.38 -5.36 -5.61
N GLN B 232 18.06 -5.35 -5.78
CA GLN B 232 17.12 -4.71 -4.82
C GLN B 232 17.03 -5.38 -3.46
N PHE B 233 17.46 -6.64 -3.37
CA PHE B 233 17.28 -7.39 -2.14
C PHE B 233 18.63 -7.91 -1.67
N GLN B 234 18.70 -8.28 -0.40
CA GLN B 234 19.93 -8.85 0.17
C GLN B 234 20.27 -10.15 -0.53
N GLU B 235 21.52 -10.58 -0.39
CA GLU B 235 21.90 -11.91 -0.88
C GLU B 235 21.13 -12.94 -0.07
N GLY B 236 20.59 -13.94 -0.74
CA GLY B 236 19.70 -14.91 -0.11
C GLY B 236 18.22 -14.59 -0.08
N GLU B 237 17.82 -13.34 -0.37
CA GLU B 237 16.41 -12.97 -0.43
C GLU B 237 15.92 -12.76 -1.88
N GLU B 238 16.37 -13.64 -2.78
CA GLU B 238 16.04 -13.58 -4.19
C GLU B 238 14.62 -14.09 -4.47
N TRP B 239 14.11 -14.95 -3.58
CA TRP B 239 12.72 -15.38 -3.57
C TRP B 239 11.72 -14.22 -3.73
N ASN B 240 12.03 -13.03 -3.22
CA ASN B 240 11.14 -11.89 -3.42
C ASN B 240 10.80 -11.64 -4.91
N CYS B 241 11.76 -11.95 -5.77
CA CYS B 241 11.67 -11.70 -7.19
C CYS B 241 10.63 -12.58 -7.88
N PHE B 242 10.14 -13.60 -7.18
CA PHE B 242 9.07 -14.46 -7.68
C PHE B 242 7.67 -13.86 -7.51
N PHE B 243 7.57 -12.76 -6.75
CA PHE B 243 6.30 -12.07 -6.56
C PHE B 243 6.17 -10.88 -7.50
N GLY B 244 5.13 -10.94 -8.33
CA GLY B 244 4.93 -9.98 -9.39
C GLY B 244 5.05 -8.55 -8.93
N TYR B 245 4.36 -8.20 -7.86
CA TYR B 245 4.33 -6.80 -7.45
C TYR B 245 5.70 -6.31 -6.94
N LYS B 246 6.62 -7.22 -6.67
CA LYS B 246 7.97 -6.85 -6.26
C LYS B 246 8.93 -6.77 -7.45
N VAL B 247 8.88 -7.74 -8.34
CA VAL B 247 9.76 -7.77 -9.52
C VAL B 247 9.30 -6.82 -10.64
N TYR B 248 8.02 -6.54 -10.74
CA TYR B 248 7.51 -5.69 -11.87
C TYR B 248 8.20 -4.35 -12.00
N PRO B 249 8.28 -3.57 -10.90
CA PRO B 249 8.84 -2.19 -11.04
C PRO B 249 10.28 -2.11 -11.59
N THR B 250 11.02 -3.21 -11.50
CA THR B 250 12.41 -3.28 -11.92
C THR B 250 12.55 -3.77 -13.37
N LEU B 251 11.48 -4.28 -13.97
CA LEU B 251 11.51 -4.74 -15.38
C LEU B 251 11.73 -3.61 -16.38
N ARG B 252 12.63 -3.88 -17.32
CA ARG B 252 12.92 -3.03 -18.47
C ARG B 252 11.83 -3.26 -19.56
N SER B 253 11.53 -4.51 -19.90
CA SER B 253 10.54 -4.84 -20.92
C SER B 253 9.13 -4.57 -20.43
N PRO B 254 8.27 -3.98 -21.29
CA PRO B 254 6.83 -3.84 -21.02
C PRO B 254 6.16 -5.22 -20.86
N VAL B 255 5.32 -5.35 -19.84
CA VAL B 255 4.68 -6.59 -19.54
C VAL B 255 3.23 -6.29 -19.25
N PHE B 256 2.33 -7.01 -19.93
CA PHE B 256 0.93 -6.84 -19.74
C PHE B 256 0.51 -7.88 -18.73
N VAL B 257 -0.22 -7.46 -17.71
CA VAL B 257 -0.55 -8.34 -16.60
C VAL B 257 -2.02 -8.71 -16.62
N VAL B 258 -2.31 -9.97 -16.84
CA VAL B 258 -3.69 -10.49 -16.82
C VAL B 258 -3.86 -11.32 -15.56
N GLN B 259 -4.80 -10.95 -14.71
CA GLN B 259 -4.88 -11.61 -13.41
C GLN B 259 -6.27 -11.59 -12.84
N TRP B 260 -6.89 -12.74 -12.67
CA TRP B 260 -8.16 -12.84 -11.98
C TRP B 260 -8.00 -12.32 -10.54
N LEU B 261 -8.93 -11.51 -10.09
CA LEU B 261 -8.81 -10.94 -8.72
C LEU B 261 -8.83 -12.02 -7.68
N PHE B 262 -9.55 -13.11 -7.98
CA PHE B 262 -9.71 -14.24 -7.08
C PHE B 262 -9.20 -15.54 -7.70
N ASP B 263 -7.90 -15.62 -7.88
CA ASP B 263 -7.27 -16.75 -8.54
C ASP B 263 -7.33 -17.99 -7.66
N GLU B 264 -7.73 -19.10 -8.27
CA GLU B 264 -7.87 -20.38 -7.58
C GLU B 264 -6.58 -20.89 -6.97
N ALA B 265 -5.46 -20.67 -7.66
CA ALA B 265 -4.16 -21.07 -7.13
C ALA B 265 -3.73 -20.24 -5.92
N GLN B 266 -4.18 -18.99 -5.83
CA GLN B 266 -3.88 -18.16 -4.68
C GLN B 266 -4.67 -18.69 -3.48
N LEU B 267 -5.94 -19.04 -3.70
CA LEU B 267 -6.77 -19.62 -2.65
C LEU B 267 -6.24 -20.97 -2.22
N THR B 268 -5.73 -21.75 -3.16
CA THR B 268 -5.15 -23.02 -2.82
C THR B 268 -3.96 -22.82 -1.88
N VAL B 269 -3.00 -21.99 -2.25
CA VAL B 269 -1.84 -21.72 -1.39
C VAL B 269 -2.12 -20.83 -0.15
N ASP B 270 -3.34 -20.30 -0.03
CA ASP B 270 -3.78 -19.68 1.21
C ASP B 270 -4.64 -20.63 2.06
N ASN B 271 -4.79 -21.88 1.62
CA ASN B 271 -5.56 -22.93 2.31
C ASN B 271 -7.06 -22.70 2.32
N VAL B 272 -7.58 -22.13 1.24
CA VAL B 272 -9.00 -21.90 1.11
C VAL B 272 -9.58 -22.89 0.11
N HIS B 273 -10.68 -23.54 0.48
CA HIS B 273 -11.25 -24.65 -0.28
C HIS B 273 -12.78 -24.53 -0.31
N GLY B 276 -19.16 -25.32 -1.19
CA GLY B 276 -20.19 -24.50 -1.85
C GLY B 276 -21.32 -24.03 -0.95
N GLN B 277 -21.31 -24.47 0.32
CA GLN B 277 -22.35 -24.10 1.29
C GLN B 277 -22.08 -22.66 1.72
N PRO B 278 -23.02 -22.04 2.48
CA PRO B 278 -22.87 -20.62 2.82
C PRO B 278 -21.47 -20.19 3.27
N VAL B 279 -21.23 -18.88 3.21
CA VAL B 279 -19.90 -18.34 3.37
C VAL B 279 -19.77 -17.77 4.75
N GLN B 280 -18.85 -18.31 5.52
CA GLN B 280 -18.67 -17.83 6.89
C GLN B 280 -17.93 -16.50 6.86
N GLU B 281 -18.14 -15.67 7.89
CA GLU B 281 -17.63 -14.30 7.91
C GLU B 281 -16.12 -14.19 7.69
N GLY B 282 -15.34 -15.12 8.26
CA GLY B 282 -13.89 -15.13 8.11
C GLY B 282 -13.45 -15.48 6.69
N LEU B 283 -14.16 -16.42 6.07
CA LEU B 283 -13.90 -16.75 4.68
C LEU B 283 -14.36 -15.61 3.75
N ARG B 284 -15.47 -14.97 4.05
CA ARG B 284 -15.91 -13.82 3.29
C ARG B 284 -14.84 -12.75 3.39
N LEU B 285 -14.29 -12.63 4.58
CA LEU B 285 -13.35 -11.56 4.85
C LEU B 285 -12.03 -11.82 4.10
N TYR B 286 -11.58 -13.06 4.07
CA TYR B 286 -10.37 -13.42 3.37
C TYR B 286 -10.52 -13.09 1.87
N ILE B 287 -11.62 -13.54 1.28
CA ILE B 287 -11.86 -13.42 -0.14
C ILE B 287 -11.89 -11.97 -0.55
N GLN B 288 -12.77 -11.22 0.09
CA GLN B 288 -12.92 -9.82 -0.16
C GLN B 288 -11.62 -9.06 0.06
N ASN B 289 -10.86 -9.42 1.09
CA ASN B 289 -9.54 -8.84 1.25
C ASN B 289 -8.58 -9.17 0.07
N LEU B 290 -8.63 -10.38 -0.44
CA LEU B 290 -7.73 -10.79 -1.53
C LEU B 290 -7.97 -9.93 -2.78
N GLY B 291 -9.23 -9.77 -3.15
CA GLY B 291 -9.58 -8.92 -4.28
C GLY B 291 -9.06 -7.50 -4.12
N ARG B 292 -9.23 -6.93 -2.93
CA ARG B 292 -8.77 -5.57 -2.65
C ARG B 292 -7.26 -5.40 -2.76
N GLU B 293 -6.51 -6.28 -2.09
CA GLU B 293 -5.06 -6.16 -2.08
C GLU B 293 -4.49 -6.44 -3.49
N LEU B 294 -5.04 -7.43 -4.19
CA LEU B 294 -4.66 -7.63 -5.55
C LEU B 294 -4.86 -6.39 -6.41
N ARG B 295 -6.07 -5.83 -6.39
CA ARG B 295 -6.34 -4.56 -7.10
C ARG B 295 -5.34 -3.48 -6.68
N HIS B 296 -5.05 -3.42 -5.40
CA HIS B 296 -4.09 -2.44 -4.94
C HIS B 296 -2.70 -2.60 -5.57
N THR B 297 -2.18 -3.82 -5.65
CA THR B 297 -0.88 -4.03 -6.25
C THR B 297 -0.81 -3.70 -7.75
N LEU B 298 -1.97 -3.65 -8.43
CA LEU B 298 -2.06 -3.25 -9.83
C LEU B 298 -2.32 -1.73 -10.09
N LYS B 299 -2.44 -0.94 -9.03
CA LYS B 299 -2.65 0.52 -9.12
C LYS B 299 -1.77 1.23 -10.17
N ASP B 300 -0.49 0.91 -10.18
CA ASP B 300 0.48 1.51 -11.11
C ASP B 300 0.87 0.60 -12.29
N VAL B 301 0.05 -0.37 -12.63
CA VAL B 301 0.27 -1.20 -13.82
C VAL B 301 -0.81 -0.80 -14.82
N PRO B 302 -0.54 0.20 -15.65
CA PRO B 302 -1.59 0.58 -16.63
C PRO B 302 -1.97 -0.56 -17.57
N ALA B 303 -1.00 -1.42 -17.91
CA ALA B 303 -1.23 -2.54 -18.82
C ALA B 303 -1.69 -3.74 -18.00
N SER B 304 -2.96 -3.69 -17.62
CA SER B 304 -3.51 -4.65 -16.68
CA SER B 304 -3.52 -4.65 -16.69
C SER B 304 -4.96 -5.01 -17.03
N PHE B 305 -5.29 -6.28 -16.84
CA PHE B 305 -6.63 -6.79 -17.13
C PHE B 305 -6.91 -7.74 -16.02
N ALA B 306 -7.71 -7.29 -15.04
CA ALA B 306 -8.02 -8.08 -13.84
C ALA B 306 -9.52 -8.14 -13.52
N PRO B 307 -10.18 -9.19 -14.00
CA PRO B 307 -11.60 -9.30 -13.73
C PRO B 307 -11.86 -9.89 -12.35
N ALA B 308 -13.00 -9.53 -11.77
CA ALA B 308 -13.43 -10.04 -10.50
C ALA B 308 -14.09 -11.41 -10.70
N CYS B 309 -13.27 -12.44 -10.83
CA CYS B 309 -13.73 -13.80 -11.09
C CYS B 309 -12.90 -14.79 -10.28
N LEU B 310 -13.54 -15.89 -9.86
CA LEU B 310 -12.85 -17.07 -9.35
C LEU B 310 -12.48 -17.96 -10.54
N SER B 311 -11.22 -17.96 -10.91
CA SER B 311 -10.77 -18.74 -12.05
C SER B 311 -9.28 -18.85 -12.03
N HIS B 312 -8.74 -19.52 -13.02
CA HIS B 312 -7.33 -19.75 -13.09
C HIS B 312 -6.90 -19.89 -14.56
N GLU B 313 -6.01 -19.00 -15.01
CA GLU B 313 -5.52 -18.93 -16.40
C GLU B 313 -6.59 -18.47 -17.34
N ILE B 314 -6.21 -18.05 -18.54
CA ILE B 314 -7.20 -17.62 -19.56
C ILE B 314 -6.64 -17.58 -20.98
N ILE B 315 -5.39 -17.17 -21.17
CA ILE B 315 -5.00 -16.74 -22.52
C ILE B 315 -4.96 -17.84 -23.59
N ILE B 316 -4.76 -19.11 -23.22
CA ILE B 316 -4.91 -20.17 -24.22
C ILE B 316 -6.25 -20.91 -24.14
N ARG B 317 -7.21 -20.34 -23.42
CA ARG B 317 -8.53 -20.92 -23.38
C ARG B 317 -9.32 -20.25 -24.49
N SER B 318 -10.16 -21.06 -25.13
CA SER B 318 -10.92 -20.66 -26.32
C SER B 318 -11.89 -19.52 -26.05
N HIS B 319 -12.35 -19.45 -24.82
CA HIS B 319 -13.26 -18.39 -24.39
C HIS B 319 -12.56 -17.15 -23.87
N TRP B 320 -11.25 -17.03 -24.10
CA TRP B 320 -10.58 -15.80 -23.75
C TRP B 320 -11.15 -14.55 -24.45
N THR B 321 -11.91 -14.73 -25.53
CA THR B 321 -12.49 -13.61 -26.27
C THR B 321 -13.74 -13.08 -25.57
N ASP B 322 -14.27 -13.78 -24.56
CA ASP B 322 -15.58 -13.43 -24.01
C ASP B 322 -15.50 -12.65 -22.72
N VAL B 323 -14.36 -12.65 -22.06
CA VAL B 323 -14.25 -11.89 -20.85
C VAL B 323 -14.02 -10.40 -21.13
N GLN B 324 -14.79 -9.55 -20.45
CA GLN B 324 -14.73 -8.09 -20.61
C GLN B 324 -14.61 -7.39 -19.27
N VAL B 325 -13.84 -6.29 -19.26
CA VAL B 325 -13.79 -5.36 -18.14
C VAL B 325 -14.01 -3.93 -18.65
N LYS B 326 -14.91 -3.20 -18.00
CA LYS B 326 -15.29 -1.84 -18.41
C LYS B 326 -15.54 -1.77 -19.91
N GLY B 327 -16.25 -2.76 -20.44
CA GLY B 327 -16.62 -2.78 -21.84
C GLY B 327 -15.54 -3.24 -22.81
N THR B 328 -14.38 -3.65 -22.32
CA THR B 328 -13.27 -4.06 -23.24
C THR B 328 -12.87 -5.51 -23.11
N SER B 329 -12.78 -6.17 -24.25
CA SER B 329 -12.33 -7.55 -24.32
C SER B 329 -10.83 -7.64 -24.14
N LEU B 330 -10.37 -8.78 -23.69
CA LEU B 330 -8.97 -8.97 -23.45
C LEU B 330 -8.17 -8.93 -24.73
N PRO B 331 -8.61 -9.64 -25.77
CA PRO B 331 -7.83 -9.50 -27.03
C PRO B 331 -7.66 -8.05 -27.52
N ARG B 332 -8.70 -7.24 -27.39
CA ARG B 332 -8.63 -5.86 -27.79
C ARG B 332 -7.70 -5.05 -26.89
N ALA B 333 -7.79 -5.25 -25.58
CA ALA B 333 -6.91 -4.57 -24.66
C ALA B 333 -5.45 -4.80 -25.07
N LEU B 334 -5.10 -6.05 -25.33
CA LEU B 334 -3.71 -6.41 -25.66
C LEU B 334 -3.27 -5.83 -26.97
N HIS B 335 -4.16 -5.84 -27.93
CA HIS B 335 -3.82 -5.29 -29.21
C HIS B 335 -3.54 -3.79 -29.12
N CYS B 336 -4.35 -3.05 -28.37
CA CYS B 336 -4.14 -1.63 -28.29
C CYS B 336 -2.83 -1.35 -27.59
N TRP B 337 -2.61 -2.03 -26.49
CA TRP B 337 -1.37 -1.91 -25.80
C TRP B 337 -0.18 -2.20 -26.70
N ASP B 338 -0.21 -3.33 -27.36
CA ASP B 338 0.98 -3.79 -28.11
C ASP B 338 1.30 -2.76 -29.20
N ARG B 339 0.26 -2.36 -29.93
CA ARG B 339 0.42 -1.52 -31.12
C ARG B 339 0.88 -0.12 -30.72
N SER B 340 0.35 0.37 -29.60
CA SER B 340 0.73 1.71 -29.17
C SER B 340 2.22 1.70 -28.71
N LEU B 341 2.63 0.70 -27.94
CA LEU B 341 4.06 0.55 -27.59
C LEU B 341 4.97 0.37 -28.81
N HIS B 342 4.52 -0.46 -29.74
CA HIS B 342 5.30 -0.74 -30.93
C HIS B 342 5.66 0.54 -31.69
N ASP B 343 4.68 1.43 -31.82
CA ASP B 343 4.81 2.71 -32.53
C ASP B 343 5.53 3.81 -31.71
N SER B 344 5.47 3.70 -30.40
CA SER B 344 6.06 4.69 -29.52
C SER B 344 7.58 4.72 -29.64
N HIS B 345 8.15 5.81 -29.18
CA HIS B 345 9.56 6.11 -29.35
C HIS B 345 9.96 7.00 -28.19
N LYS B 346 11.25 7.21 -27.96
CA LYS B 346 11.66 7.94 -26.75
C LYS B 346 10.98 9.33 -26.61
N ALA B 347 10.70 10.01 -27.74
CA ALA B 347 9.98 11.29 -27.68
C ALA B 347 8.53 11.20 -27.18
N SER B 348 7.92 10.02 -27.28
CA SER B 348 6.52 9.81 -26.87
C SER B 348 6.27 10.11 -25.39
N LYS B 349 5.40 11.09 -25.12
CA LYS B 349 4.98 11.46 -23.75
C LYS B 349 4.17 10.34 -23.08
N THR B 350 3.14 9.86 -23.77
CA THR B 350 2.23 8.84 -23.23
C THR B 350 1.98 7.78 -24.31
N PRO B 351 2.84 6.74 -24.36
CA PRO B 351 2.65 5.67 -25.35
C PRO B 351 1.22 5.13 -25.35
N LEU B 352 0.65 4.89 -24.16
CA LEU B 352 -0.62 4.17 -24.07
C LEU B 352 -1.91 5.02 -24.19
N LYS B 353 -1.80 6.33 -24.39
CA LYS B 353 -3.04 7.15 -24.37
C LYS B 353 -3.91 6.83 -25.60
N GLY B 354 -5.22 6.83 -25.42
CA GLY B 354 -6.13 6.30 -26.44
C GLY B 354 -6.43 4.83 -26.24
N CYS B 355 -5.57 4.09 -25.51
CA CYS B 355 -5.91 2.71 -25.13
C CYS B 355 -6.71 2.64 -23.84
N PRO B 356 -7.61 1.67 -23.75
CA PRO B 356 -8.21 1.43 -22.45
C PRO B 356 -7.12 0.87 -21.51
N VAL B 357 -6.87 1.57 -20.40
CA VAL B 357 -5.85 1.13 -19.43
C VAL B 357 -6.52 0.80 -18.11
N HIS B 358 -5.74 0.28 -17.17
CA HIS B 358 -6.22 -0.06 -15.81
C HIS B 358 -7.57 -0.79 -15.82
N LEU B 359 -7.65 -1.85 -16.65
CA LEU B 359 -8.87 -2.63 -16.74
C LEU B 359 -8.99 -3.61 -15.58
N VAL B 360 -9.24 -3.05 -14.41
CA VAL B 360 -9.26 -3.81 -13.17
C VAL B 360 -10.63 -3.64 -12.60
N ASP B 361 -11.32 -4.74 -12.30
CA ASP B 361 -12.65 -4.58 -11.73
C ASP B 361 -12.56 -3.92 -10.32
N SER B 362 -13.58 -3.17 -9.97
CA SER B 362 -13.67 -2.53 -8.67
C SER B 362 -14.64 -3.25 -7.72
N CYS B 363 -15.50 -4.10 -8.28
CA CYS B 363 -16.53 -4.74 -7.50
C CYS B 363 -15.94 -5.90 -6.68
N PRO B 364 -16.57 -6.25 -5.52
CA PRO B 364 -15.89 -6.95 -4.42
C PRO B 364 -15.97 -8.46 -4.31
N TRP B 365 -16.76 -9.16 -5.15
CA TRP B 365 -16.94 -10.60 -4.98
C TRP B 365 -16.87 -11.36 -6.31
N PRO B 366 -16.43 -12.63 -6.27
CA PRO B 366 -16.44 -13.35 -7.56
C PRO B 366 -17.77 -13.31 -8.31
N HIS B 367 -17.66 -13.03 -9.61
CA HIS B 367 -18.80 -13.01 -10.52
C HIS B 367 -19.61 -11.73 -10.52
N CYS B 368 -19.18 -10.74 -9.77
CA CYS B 368 -19.79 -9.42 -9.87
C CYS B 368 -19.56 -8.89 -11.29
N ASN B 369 -18.54 -9.38 -11.98
CA ASN B 369 -18.40 -9.18 -13.42
C ASN B 369 -19.20 -10.24 -14.19
N PRO B 370 -20.23 -9.81 -14.95
CA PRO B 370 -21.12 -10.79 -15.59
C PRO B 370 -20.49 -11.69 -16.65
N SER B 371 -19.29 -11.35 -17.12
CA SER B 371 -18.69 -12.06 -18.22
C SER B 371 -17.70 -13.13 -17.73
N CYS B 372 -17.67 -13.46 -16.44
CA CYS B 372 -16.74 -14.47 -15.94
C CYS B 372 -16.94 -15.83 -16.59
N PRO B 373 -15.86 -16.57 -16.84
CA PRO B 373 -16.12 -17.90 -17.40
C PRO B 373 -16.82 -18.83 -16.40
N THR B 374 -17.41 -19.92 -16.87
CA THR B 374 -17.90 -20.96 -15.95
C THR B 374 -16.68 -21.65 -15.29
#